data_7UG2
# 
_entry.id   7UG2 
# 
_audit_conform.dict_name       mmcif_pdbx.dic 
_audit_conform.dict_version    5.380 
_audit_conform.dict_location   http://mmcif.pdb.org/dictionaries/ascii/mmcif_pdbx.dic 
# 
loop_
_database_2.database_id 
_database_2.database_code 
_database_2.pdbx_database_accession 
_database_2.pdbx_DOI 
PDB   7UG2         pdb_00007ug2 10.2210/pdb7ug2/pdb 
WWPDB D_1000264106 ?            ?                   
# 
_pdbx_database_status.status_code                     REL 
_pdbx_database_status.status_code_sf                  REL 
_pdbx_database_status.status_code_mr                  ? 
_pdbx_database_status.entry_id                        7UG2 
_pdbx_database_status.recvd_initial_deposition_date   2022-03-23 
_pdbx_database_status.SG_entry                        N 
_pdbx_database_status.deposit_site                    RCSB 
_pdbx_database_status.process_site                    RCSB 
_pdbx_database_status.status_code_cs                  ? 
_pdbx_database_status.status_code_nmr_data            ? 
_pdbx_database_status.methods_development_category    ? 
_pdbx_database_status.pdb_format_compatible           Y 
# 
loop_
_audit_author.name 
_audit_author.pdbx_ordinal 
_audit_author.identifier_ORCID 
'Lou, X.H.'  1 ? 
'Ma, B.B.'   2 ? 
'Zhuang, Y.' 3 ? 
'Li, X.C.'   4 ? 
# 
_citation.abstract                  ? 
_citation.abstract_id_CAS           ? 
_citation.book_id_ISBN              ? 
_citation.book_publisher            ? 
_citation.book_publisher_city       ? 
_citation.book_title                ? 
_citation.coordinate_linkage        ? 
_citation.country                   NE 
_citation.database_id_Medline       ? 
_citation.details                   ? 
_citation.id                        primary 
_citation.journal_abbrev            'Comput Struct Biotechnol J' 
_citation.journal_id_ASTM           ? 
_citation.journal_id_CSD            ? 
_citation.journal_id_ISSN           2001-0370 
_citation.journal_full              ? 
_citation.journal_issue             ? 
_citation.journal_volume            20 
_citation.language                  ? 
_citation.page_first                4921 
_citation.page_last                 4929 
_citation.title                     
'Structural studies of the coiled-coil domain of TRIM75 reveal a tetramer architecture facilitating its E3 ligase complex.' 
_citation.year                      2022 
_citation.database_id_CSD           ? 
_citation.pdbx_database_id_DOI      10.1016/j.csbj.2022.08.069 
_citation.pdbx_database_id_PubMed   36147661 
_citation.pdbx_database_id_patent   ? 
_citation.unpublished_flag          ? 
# 
loop_
_citation_author.citation_id 
_citation_author.name 
_citation_author.ordinal 
_citation_author.identifier_ORCID 
primary 'Lou, X.'     1 ? 
primary 'Ma, B.'      2 ? 
primary 'Zhuang, Y.'  3 ? 
primary 'Xiao, X.'    4 ? 
primary 'Minze, L.J.' 5 ? 
primary 'Xing, J.'    6 ? 
primary 'Zhang, Z.'   7 ? 
primary 'Li, X.C.'    8 ? 
# 
_cell.angle_alpha                  90.000 
_cell.angle_alpha_esd              ? 
_cell.angle_beta                   90.000 
_cell.angle_beta_esd               ? 
_cell.angle_gamma                  90.000 
_cell.angle_gamma_esd              ? 
_cell.entry_id                     7UG2 
_cell.details                      ? 
_cell.formula_units_Z              ? 
_cell.length_a                     43.070 
_cell.length_a_esd                 ? 
_cell.length_b                     43.070 
_cell.length_b_esd                 ? 
_cell.length_c                     134.320 
_cell.length_c_esd                 ? 
_cell.volume                       ? 
_cell.volume_esd                   ? 
_cell.Z_PDB                        16 
_cell.reciprocal_angle_alpha       ? 
_cell.reciprocal_angle_beta        ? 
_cell.reciprocal_angle_gamma       ? 
_cell.reciprocal_angle_alpha_esd   ? 
_cell.reciprocal_angle_beta_esd    ? 
_cell.reciprocal_angle_gamma_esd   ? 
_cell.reciprocal_length_a          ? 
_cell.reciprocal_length_b          ? 
_cell.reciprocal_length_c          ? 
_cell.reciprocal_length_a_esd      ? 
_cell.reciprocal_length_b_esd      ? 
_cell.reciprocal_length_c_esd      ? 
_cell.pdbx_unique_axis             ? 
# 
_symmetry.entry_id                         7UG2 
_symmetry.cell_setting                     ? 
_symmetry.Int_Tables_number                98 
_symmetry.space_group_name_Hall            ? 
_symmetry.space_group_name_H-M             'I 41 2 2' 
_symmetry.pdbx_full_space_group_name_H-M   ? 
# 
loop_
_entity.id 
_entity.type 
_entity.src_method 
_entity.pdbx_description 
_entity.formula_weight 
_entity.pdbx_number_of_molecules 
_entity.pdbx_ec 
_entity.pdbx_mutation 
_entity.pdbx_fragment 
_entity.details 
1 polymer     man 'Tripartite motif-containing protein 75' 6817.631 1  ? ? ? ? 
2 non-polymer syn 'ACETYL GROUP'                           44.053   2  ? ? ? ? 
3 non-polymer syn 'ISOPROPYL ALCOHOL'                      60.095   1  ? ? ? ? 
4 water       nat water                                    18.015   30 ? ? ? ? 
# 
_entity_poly.entity_id                      1 
_entity_poly.type                           'polypeptide(L)' 
_entity_poly.nstd_linkage                   no 
_entity_poly.nstd_monomer                   no 
_entity_poly.pdbx_seq_one_letter_code       GPGGVTLREQAEAQRSQLTSECEKLMRFLDQEERAAFSRLEDEEMRLEKRLLDNIAALE 
_entity_poly.pdbx_seq_one_letter_code_can   GPGGVTLREQAEAQRSQLTSECEKLMRFLDQEERAAFSRLEDEEMRLEKRLLDNIAALE 
_entity_poly.pdbx_strand_id                 A 
_entity_poly.pdbx_target_identifier         ? 
# 
loop_
_entity_poly_seq.entity_id 
_entity_poly_seq.num 
_entity_poly_seq.mon_id 
_entity_poly_seq.hetero 
1 1  GLY n 
1 2  PRO n 
1 3  GLY n 
1 4  GLY n 
1 5  VAL n 
1 6  THR n 
1 7  LEU n 
1 8  ARG n 
1 9  GLU n 
1 10 GLN n 
1 11 ALA n 
1 12 GLU n 
1 13 ALA n 
1 14 GLN n 
1 15 ARG n 
1 16 SER n 
1 17 GLN n 
1 18 LEU n 
1 19 THR n 
1 20 SER n 
1 21 GLU n 
1 22 CYS n 
1 23 GLU n 
1 24 LYS n 
1 25 LEU n 
1 26 MET n 
1 27 ARG n 
1 28 PHE n 
1 29 LEU n 
1 30 ASP n 
1 31 GLN n 
1 32 GLU n 
1 33 GLU n 
1 34 ARG n 
1 35 ALA n 
1 36 ALA n 
1 37 PHE n 
1 38 SER n 
1 39 ARG n 
1 40 LEU n 
1 41 GLU n 
1 42 ASP n 
1 43 GLU n 
1 44 GLU n 
1 45 MET n 
1 46 ARG n 
1 47 LEU n 
1 48 GLU n 
1 49 LYS n 
1 50 ARG n 
1 51 LEU n 
1 52 LEU n 
1 53 ASP n 
1 54 ASN n 
1 55 ILE n 
1 56 ALA n 
1 57 ALA n 
1 58 LEU n 
1 59 GLU n 
# 
_entity_src_gen.entity_id                          1 
_entity_src_gen.pdbx_src_id                        1 
_entity_src_gen.pdbx_alt_source_flag               sample 
_entity_src_gen.pdbx_seq_type                      'Biological sequence' 
_entity_src_gen.pdbx_beg_seq_num                   1 
_entity_src_gen.pdbx_end_seq_num                   59 
_entity_src_gen.gene_src_common_name               'house mouse' 
_entity_src_gen.gene_src_genus                     ? 
_entity_src_gen.pdbx_gene_src_gene                 'Trim75, Gm794' 
_entity_src_gen.gene_src_species                   ? 
_entity_src_gen.gene_src_strain                    ? 
_entity_src_gen.gene_src_tissue                    ? 
_entity_src_gen.gene_src_tissue_fraction           ? 
_entity_src_gen.gene_src_details                   ? 
_entity_src_gen.pdbx_gene_src_fragment             ? 
_entity_src_gen.pdbx_gene_src_scientific_name      'Mus musculus' 
_entity_src_gen.pdbx_gene_src_ncbi_taxonomy_id     10090 
_entity_src_gen.pdbx_gene_src_variant              ? 
_entity_src_gen.pdbx_gene_src_cell_line            ? 
_entity_src_gen.pdbx_gene_src_atcc                 ? 
_entity_src_gen.pdbx_gene_src_organ                ? 
_entity_src_gen.pdbx_gene_src_organelle            ? 
_entity_src_gen.pdbx_gene_src_cell                 ? 
_entity_src_gen.pdbx_gene_src_cellular_location    ? 
_entity_src_gen.host_org_common_name               ? 
_entity_src_gen.pdbx_host_org_scientific_name      'Escherichia coli BL21(DE3)' 
_entity_src_gen.pdbx_host_org_ncbi_taxonomy_id     469008 
_entity_src_gen.host_org_genus                     ? 
_entity_src_gen.pdbx_host_org_gene                 ? 
_entity_src_gen.pdbx_host_org_organ                ? 
_entity_src_gen.host_org_species                   ? 
_entity_src_gen.pdbx_host_org_tissue               ? 
_entity_src_gen.pdbx_host_org_tissue_fraction      ? 
_entity_src_gen.pdbx_host_org_strain               'BL21(DE3)' 
_entity_src_gen.pdbx_host_org_variant              ? 
_entity_src_gen.pdbx_host_org_cell_line            ? 
_entity_src_gen.pdbx_host_org_atcc                 ? 
_entity_src_gen.pdbx_host_org_culture_collection   ? 
_entity_src_gen.pdbx_host_org_cell                 ? 
_entity_src_gen.pdbx_host_org_organelle            ? 
_entity_src_gen.pdbx_host_org_cellular_location    ? 
_entity_src_gen.pdbx_host_org_vector_type          ? 
_entity_src_gen.pdbx_host_org_vector               ? 
_entity_src_gen.host_org_details                   ? 
_entity_src_gen.expression_system_id               ? 
_entity_src_gen.plasmid_name                       ? 
_entity_src_gen.plasmid_details                    ? 
_entity_src_gen.pdbx_description                   ? 
# 
_struct_ref.id                         1 
_struct_ref.db_name                    UNP 
_struct_ref.db_code                    TRI75_MOUSE 
_struct_ref.pdbx_db_accession          Q3UWZ0 
_struct_ref.pdbx_db_isoform            ? 
_struct_ref.entity_id                  1 
_struct_ref.pdbx_seq_one_letter_code   VTLREQAEAQRSQLTSECEKLMRFLDQEERAAFSRLEDEEMRLEKRLLDNIAALE 
_struct_ref.pdbx_align_begin           168 
# 
_struct_ref_seq.align_id                      1 
_struct_ref_seq.ref_id                        1 
_struct_ref_seq.pdbx_PDB_id_code              7UG2 
_struct_ref_seq.pdbx_strand_id                A 
_struct_ref_seq.seq_align_beg                 5 
_struct_ref_seq.pdbx_seq_align_beg_ins_code   ? 
_struct_ref_seq.seq_align_end                 59 
_struct_ref_seq.pdbx_seq_align_end_ins_code   ? 
_struct_ref_seq.pdbx_db_accession             Q3UWZ0 
_struct_ref_seq.db_align_beg                  168 
_struct_ref_seq.pdbx_db_align_beg_ins_code    ? 
_struct_ref_seq.db_align_end                  222 
_struct_ref_seq.pdbx_db_align_end_ins_code    ? 
_struct_ref_seq.pdbx_auth_seq_align_beg       168 
_struct_ref_seq.pdbx_auth_seq_align_end       222 
# 
loop_
_struct_ref_seq_dif.align_id 
_struct_ref_seq_dif.pdbx_pdb_id_code 
_struct_ref_seq_dif.mon_id 
_struct_ref_seq_dif.pdbx_pdb_strand_id 
_struct_ref_seq_dif.seq_num 
_struct_ref_seq_dif.pdbx_pdb_ins_code 
_struct_ref_seq_dif.pdbx_seq_db_name 
_struct_ref_seq_dif.pdbx_seq_db_accession_code 
_struct_ref_seq_dif.db_mon_id 
_struct_ref_seq_dif.pdbx_seq_db_seq_num 
_struct_ref_seq_dif.details 
_struct_ref_seq_dif.pdbx_auth_seq_num 
_struct_ref_seq_dif.pdbx_ordinal 
1 7UG2 GLY A 1 ? UNP Q3UWZ0 ? ? 'expression tag' 164 1 
1 7UG2 PRO A 2 ? UNP Q3UWZ0 ? ? 'expression tag' 165 2 
1 7UG2 GLY A 3 ? UNP Q3UWZ0 ? ? 'expression tag' 166 3 
1 7UG2 GLY A 4 ? UNP Q3UWZ0 ? ? 'expression tag' 167 4 
# 
loop_
_chem_comp.id 
_chem_comp.type 
_chem_comp.mon_nstd_flag 
_chem_comp.name 
_chem_comp.pdbx_synonyms 
_chem_comp.formula 
_chem_comp.formula_weight 
ACE non-polymer         . 'ACETYL GROUP'      ?          'C2 H4 O'        44.053  
ALA 'L-peptide linking' y ALANINE             ?          'C3 H7 N O2'     89.093  
ARG 'L-peptide linking' y ARGININE            ?          'C6 H15 N4 O2 1' 175.209 
ASN 'L-peptide linking' y ASPARAGINE          ?          'C4 H8 N2 O3'    132.118 
ASP 'L-peptide linking' y 'ASPARTIC ACID'     ?          'C4 H7 N O4'     133.103 
CYS 'L-peptide linking' y CYSTEINE            ?          'C3 H7 N O2 S'   121.158 
GLN 'L-peptide linking' y GLUTAMINE           ?          'C5 H10 N2 O3'   146.144 
GLU 'L-peptide linking' y 'GLUTAMIC ACID'     ?          'C5 H9 N O4'     147.129 
GLY 'peptide linking'   y GLYCINE             ?          'C2 H5 N O2'     75.067  
HOH non-polymer         . WATER               ?          'H2 O'           18.015  
ILE 'L-peptide linking' y ISOLEUCINE          ?          'C6 H13 N O2'    131.173 
IPA non-polymer         . 'ISOPROPYL ALCOHOL' 2-PROPANOL 'C3 H8 O'        60.095  
LEU 'L-peptide linking' y LEUCINE             ?          'C6 H13 N O2'    131.173 
LYS 'L-peptide linking' y LYSINE              ?          'C6 H15 N2 O2 1' 147.195 
MET 'L-peptide linking' y METHIONINE          ?          'C5 H11 N O2 S'  149.211 
PHE 'L-peptide linking' y PHENYLALANINE       ?          'C9 H11 N O2'    165.189 
PRO 'L-peptide linking' y PROLINE             ?          'C5 H9 N O2'     115.130 
SER 'L-peptide linking' y SERINE              ?          'C3 H7 N O3'     105.093 
THR 'L-peptide linking' y THREONINE           ?          'C4 H9 N O3'     119.119 
VAL 'L-peptide linking' y VALINE              ?          'C5 H11 N O2'    117.146 
# 
_exptl.absorpt_coefficient_mu     ? 
_exptl.absorpt_correction_T_max   ? 
_exptl.absorpt_correction_T_min   ? 
_exptl.absorpt_correction_type    ? 
_exptl.absorpt_process_details    ? 
_exptl.entry_id                   7UG2 
_exptl.crystals_number            1 
_exptl.details                    ? 
_exptl.method                     'X-RAY DIFFRACTION' 
_exptl.method_details             ? 
# 
_exptl_crystal.colour                      ? 
_exptl_crystal.density_diffrn              ? 
_exptl_crystal.density_Matthews            2.30 
_exptl_crystal.density_method              ? 
_exptl_crystal.density_percent_sol         46.58 
_exptl_crystal.description                 ? 
_exptl_crystal.F_000                       ? 
_exptl_crystal.id                          1 
_exptl_crystal.preparation                 ? 
_exptl_crystal.size_max                    ? 
_exptl_crystal.size_mid                    ? 
_exptl_crystal.size_min                    ? 
_exptl_crystal.size_rad                    ? 
_exptl_crystal.colour_lustre               ? 
_exptl_crystal.colour_modifier             ? 
_exptl_crystal.colour_primary              ? 
_exptl_crystal.density_meas                ? 
_exptl_crystal.density_meas_esd            ? 
_exptl_crystal.density_meas_gt             ? 
_exptl_crystal.density_meas_lt             ? 
_exptl_crystal.density_meas_temp           ? 
_exptl_crystal.density_meas_temp_esd       ? 
_exptl_crystal.density_meas_temp_gt        ? 
_exptl_crystal.density_meas_temp_lt        ? 
_exptl_crystal.pdbx_crystal_image_url      ? 
_exptl_crystal.pdbx_crystal_image_format   ? 
_exptl_crystal.pdbx_mosaicity              ? 
_exptl_crystal.pdbx_mosaicity_esd          ? 
# 
_exptl_crystal_grow.apparatus       ? 
_exptl_crystal_grow.atmosphere      ? 
_exptl_crystal_grow.crystal_id      1 
_exptl_crystal_grow.details         ? 
_exptl_crystal_grow.method          EVAPORATION 
_exptl_crystal_grow.method_ref      ? 
_exptl_crystal_grow.pH              4.6 
_exptl_crystal_grow.pressure        ? 
_exptl_crystal_grow.pressure_esd    ? 
_exptl_crystal_grow.seeding         ? 
_exptl_crystal_grow.seeding_ref     ? 
_exptl_crystal_grow.temp            298 
_exptl_crystal_grow.temp_details    ? 
_exptl_crystal_grow.temp_esd        ? 
_exptl_crystal_grow.time            ? 
_exptl_crystal_grow.pdbx_details    
;0.1 M Acetate pH 4.6 
20% Isopropanol 
0.2 M Calcium chloride
;
_exptl_crystal_grow.pdbx_pH_range   ? 
# 
_diffrn.ambient_environment              ? 
_diffrn.ambient_temp                     100 
_diffrn.ambient_temp_details             ? 
_diffrn.ambient_temp_esd                 ? 
_diffrn.crystal_id                       1 
_diffrn.crystal_support                  ? 
_diffrn.crystal_treatment                ? 
_diffrn.details                          ? 
_diffrn.id                               1 
_diffrn.ambient_pressure                 ? 
_diffrn.ambient_pressure_esd             ? 
_diffrn.ambient_pressure_gt              ? 
_diffrn.ambient_pressure_lt              ? 
_diffrn.ambient_temp_gt                  ? 
_diffrn.ambient_temp_lt                  ? 
_diffrn.pdbx_serial_crystal_experiment   N 
# 
_diffrn_detector.details                      ? 
_diffrn_detector.detector                     PIXEL 
_diffrn_detector.diffrn_id                    1 
_diffrn_detector.type                         'DECTRIS EIGER X 16M' 
_diffrn_detector.area_resol_mean              ? 
_diffrn_detector.dtime                        ? 
_diffrn_detector.pdbx_frames_total            ? 
_diffrn_detector.pdbx_collection_time_total   ? 
_diffrn_detector.pdbx_collection_date         2020-02-09 
_diffrn_detector.pdbx_frequency               ? 
# 
_diffrn_radiation.collimation                      ? 
_diffrn_radiation.diffrn_id                        1 
_diffrn_radiation.filter_edge                      ? 
_diffrn_radiation.inhomogeneity                    ? 
_diffrn_radiation.monochromator                    ? 
_diffrn_radiation.polarisn_norm                    ? 
_diffrn_radiation.polarisn_ratio                   ? 
_diffrn_radiation.probe                            ? 
_diffrn_radiation.type                             ? 
_diffrn_radiation.xray_symbol                      ? 
_diffrn_radiation.wavelength_id                    1 
_diffrn_radiation.pdbx_monochromatic_or_laue_m_l   M 
_diffrn_radiation.pdbx_wavelength_list             ? 
_diffrn_radiation.pdbx_wavelength                  ? 
_diffrn_radiation.pdbx_diffrn_protocol             'SINGLE WAVELENGTH' 
_diffrn_radiation.pdbx_analyzer                    ? 
_diffrn_radiation.pdbx_scattering_type             x-ray 
# 
_diffrn_radiation_wavelength.id           1 
_diffrn_radiation_wavelength.wavelength   0.97918 
_diffrn_radiation_wavelength.wt           1.0 
# 
_diffrn_source.current                     ? 
_diffrn_source.details                     ? 
_diffrn_source.diffrn_id                   1 
_diffrn_source.power                       ? 
_diffrn_source.size                        ? 
_diffrn_source.source                      SYNCHROTRON 
_diffrn_source.target                      ? 
_diffrn_source.type                        'APS BEAMLINE 24-ID-E' 
_diffrn_source.voltage                     ? 
_diffrn_source.take-off_angle              ? 
_diffrn_source.pdbx_wavelength_list        0.97918 
_diffrn_source.pdbx_wavelength             ? 
_diffrn_source.pdbx_synchrotron_beamline   24-ID-E 
_diffrn_source.pdbx_synchrotron_site       APS 
# 
_reflns.B_iso_Wilson_estimate                          ? 
_reflns.entry_id                                       7UG2 
_reflns.data_reduction_details                         ? 
_reflns.data_reduction_method                          ? 
_reflns.d_resolution_high                              2.05 
_reflns.d_resolution_low                               8.00 
_reflns.details                                        ? 
_reflns.limit_h_max                                    ? 
_reflns.limit_h_min                                    ? 
_reflns.limit_k_max                                    ? 
_reflns.limit_k_min                                    ? 
_reflns.limit_l_max                                    ? 
_reflns.limit_l_min                                    ? 
_reflns.number_all                                     ? 
_reflns.number_obs                                     4039 
_reflns.observed_criterion                             ? 
_reflns.observed_criterion_F_max                       ? 
_reflns.observed_criterion_F_min                       ? 
_reflns.observed_criterion_I_max                       ? 
_reflns.observed_criterion_I_min                       ? 
_reflns.observed_criterion_sigma_F                     ? 
_reflns.observed_criterion_sigma_I                     ? 
_reflns.percent_possible_obs                           96.3 
_reflns.R_free_details                                 ? 
_reflns.Rmerge_F_all                                   ? 
_reflns.Rmerge_F_obs                                   ? 
_reflns.Friedel_coverage                               ? 
_reflns.number_gt                                      ? 
_reflns.threshold_expression                           ? 
_reflns.pdbx_redundancy                                3.2 
_reflns.pdbx_Rmerge_I_obs                              0.042 
_reflns.pdbx_Rmerge_I_all                              ? 
_reflns.pdbx_Rsym_value                                ? 
_reflns.pdbx_netI_over_av_sigmaI                       ? 
_reflns.pdbx_netI_over_sigmaI                          14.1 
_reflns.pdbx_res_netI_over_av_sigmaI_2                 ? 
_reflns.pdbx_res_netI_over_sigmaI_2                    ? 
_reflns.pdbx_chi_squared                               ? 
_reflns.pdbx_scaling_rejects                           ? 
_reflns.pdbx_d_res_high_opt                            ? 
_reflns.pdbx_d_res_low_opt                             ? 
_reflns.pdbx_d_res_opt_method                          ? 
_reflns.phase_calculation_details                      ? 
_reflns.pdbx_Rrim_I_all                                ? 
_reflns.pdbx_Rpim_I_all                                ? 
_reflns.pdbx_d_opt                                     ? 
_reflns.pdbx_number_measured_all                       ? 
_reflns.pdbx_diffrn_id                                 1 
_reflns.pdbx_ordinal                                   1 
_reflns.pdbx_CC_half                                   0.998 
_reflns.pdbx_CC_star                                   ? 
_reflns.pdbx_R_split                                   ? 
_reflns.pdbx_aniso_diffraction_limit_axis_1_ortho[1]   ? 
_reflns.pdbx_aniso_diffraction_limit_axis_1_ortho[2]   ? 
_reflns.pdbx_aniso_diffraction_limit_axis_1_ortho[3]   ? 
_reflns.pdbx_aniso_diffraction_limit_axis_2_ortho[1]   ? 
_reflns.pdbx_aniso_diffraction_limit_axis_2_ortho[2]   ? 
_reflns.pdbx_aniso_diffraction_limit_axis_2_ortho[3]   ? 
_reflns.pdbx_aniso_diffraction_limit_axis_3_ortho[1]   ? 
_reflns.pdbx_aniso_diffraction_limit_axis_3_ortho[2]   ? 
_reflns.pdbx_aniso_diffraction_limit_axis_3_ortho[3]   ? 
_reflns.pdbx_aniso_diffraction_limit_1                 ? 
_reflns.pdbx_aniso_diffraction_limit_2                 ? 
_reflns.pdbx_aniso_diffraction_limit_3                 ? 
_reflns.pdbx_aniso_B_tensor_eigenvector_1_ortho[1]     ? 
_reflns.pdbx_aniso_B_tensor_eigenvector_1_ortho[2]     ? 
_reflns.pdbx_aniso_B_tensor_eigenvector_1_ortho[3]     ? 
_reflns.pdbx_aniso_B_tensor_eigenvector_2_ortho[1]     ? 
_reflns.pdbx_aniso_B_tensor_eigenvector_2_ortho[2]     ? 
_reflns.pdbx_aniso_B_tensor_eigenvector_2_ortho[3]     ? 
_reflns.pdbx_aniso_B_tensor_eigenvector_3_ortho[1]     ? 
_reflns.pdbx_aniso_B_tensor_eigenvector_3_ortho[2]     ? 
_reflns.pdbx_aniso_B_tensor_eigenvector_3_ortho[3]     ? 
_reflns.pdbx_aniso_B_tensor_eigenvalue_1               ? 
_reflns.pdbx_aniso_B_tensor_eigenvalue_2               ? 
_reflns.pdbx_aniso_B_tensor_eigenvalue_3               ? 
_reflns.pdbx_orthogonalization_convention              ? 
_reflns.pdbx_percent_possible_ellipsoidal              ? 
_reflns.pdbx_percent_possible_spherical                ? 
_reflns.pdbx_percent_possible_ellipsoidal_anomalous    ? 
_reflns.pdbx_percent_possible_spherical_anomalous      ? 
_reflns.pdbx_redundancy_anomalous                      ? 
_reflns.pdbx_CC_half_anomalous                         ? 
_reflns.pdbx_absDiff_over_sigma_anomalous              ? 
_reflns.pdbx_percent_possible_anomalous                ? 
_reflns.pdbx_observed_signal_threshold                 ? 
_reflns.pdbx_signal_type                               ? 
_reflns.pdbx_signal_details                            ? 
_reflns.pdbx_signal_software_id                        ? 
# 
_reflns_shell.d_res_high                                    2.05 
_reflns_shell.d_res_low                                     2.16 
_reflns_shell.meanI_over_sigI_all                           ? 
_reflns_shell.meanI_over_sigI_obs                           ? 
_reflns_shell.number_measured_all                           ? 
_reflns_shell.number_measured_obs                           ? 
_reflns_shell.number_possible                               ? 
_reflns_shell.number_unique_all                             ? 
_reflns_shell.number_unique_obs                             594 
_reflns_shell.percent_possible_all                          ? 
_reflns_shell.percent_possible_obs                          ? 
_reflns_shell.Rmerge_F_all                                  ? 
_reflns_shell.Rmerge_F_obs                                  ? 
_reflns_shell.Rmerge_I_all                                  ? 
_reflns_shell.Rmerge_I_obs                                  0.248 
_reflns_shell.meanI_over_sigI_gt                            ? 
_reflns_shell.meanI_over_uI_all                             ? 
_reflns_shell.meanI_over_uI_gt                              ? 
_reflns_shell.number_measured_gt                            ? 
_reflns_shell.number_unique_gt                              ? 
_reflns_shell.percent_possible_gt                           ? 
_reflns_shell.Rmerge_F_gt                                   ? 
_reflns_shell.Rmerge_I_gt                                   ? 
_reflns_shell.pdbx_redundancy                               ? 
_reflns_shell.pdbx_Rsym_value                               ? 
_reflns_shell.pdbx_chi_squared                              ? 
_reflns_shell.pdbx_netI_over_sigmaI_all                     ? 
_reflns_shell.pdbx_netI_over_sigmaI_obs                     ? 
_reflns_shell.pdbx_Rrim_I_all                               ? 
_reflns_shell.pdbx_Rpim_I_all                               ? 
_reflns_shell.pdbx_rejects                                  ? 
_reflns_shell.pdbx_ordinal                                  1 
_reflns_shell.pdbx_diffrn_id                                1 
_reflns_shell.pdbx_CC_half                                  0.913 
_reflns_shell.pdbx_CC_star                                  ? 
_reflns_shell.pdbx_R_split                                  ? 
_reflns_shell.pdbx_percent_possible_ellipsoidal             ? 
_reflns_shell.pdbx_percent_possible_spherical               ? 
_reflns_shell.pdbx_percent_possible_ellipsoidal_anomalous   ? 
_reflns_shell.pdbx_percent_possible_spherical_anomalous     ? 
_reflns_shell.pdbx_redundancy_anomalous                     ? 
_reflns_shell.pdbx_CC_half_anomalous                        ? 
_reflns_shell.pdbx_absDiff_over_sigma_anomalous             ? 
_reflns_shell.pdbx_percent_possible_anomalous               ? 
# 
_refine.aniso_B[1][1]                            1.407 
_refine.aniso_B[1][2]                            0.000 
_refine.aniso_B[1][3]                            0.000 
_refine.aniso_B[2][2]                            1.407 
_refine.aniso_B[2][3]                            0.000 
_refine.aniso_B[3][3]                            -2.814 
_refine.B_iso_max                                ? 
_refine.B_iso_mean                               53.022 
_refine.B_iso_min                                ? 
_refine.correlation_coeff_Fo_to_Fc               0.954 
_refine.correlation_coeff_Fo_to_Fc_free          0.934 
_refine.details                                  'Hydrogens have been added in their riding positions' 
_refine.diff_density_max                         ? 
_refine.diff_density_max_esd                     ? 
_refine.diff_density_min                         ? 
_refine.diff_density_min_esd                     ? 
_refine.diff_density_rms                         ? 
_refine.diff_density_rms_esd                     ? 
_refine.entry_id                                 7UG2 
_refine.pdbx_refine_id                           'X-RAY DIFFRACTION' 
_refine.ls_abs_structure_details                 ? 
_refine.ls_abs_structure_Flack                   ? 
_refine.ls_abs_structure_Flack_esd               ? 
_refine.ls_abs_structure_Rogers                  ? 
_refine.ls_abs_structure_Rogers_esd              ? 
_refine.ls_d_res_high                            2.052 
_refine.ls_d_res_low                             7.985 
_refine.ls_extinction_coef                       ? 
_refine.ls_extinction_coef_esd                   ? 
_refine.ls_extinction_expression                 ? 
_refine.ls_extinction_method                     ? 
_refine.ls_goodness_of_fit_all                   ? 
_refine.ls_goodness_of_fit_all_esd               ? 
_refine.ls_goodness_of_fit_obs                   ? 
_refine.ls_goodness_of_fit_obs_esd               ? 
_refine.ls_hydrogen_treatment                    ? 
_refine.ls_matrix_type                           ? 
_refine.ls_number_constraints                    ? 
_refine.ls_number_parameters                     ? 
_refine.ls_number_reflns_all                     ? 
_refine.ls_number_reflns_obs                     4038 
_refine.ls_number_reflns_R_free                  317 
_refine.ls_number_reflns_R_work                  3721 
_refine.ls_number_restraints                     ? 
_refine.ls_percent_reflns_obs                    94.500 
_refine.ls_percent_reflns_R_free                 7.850 
_refine.ls_R_factor_all                          0.215 
_refine.ls_R_factor_obs                          ? 
_refine.ls_R_factor_R_free                       0.2562 
_refine.ls_R_factor_R_free_error                 ? 
_refine.ls_R_factor_R_free_error_details         ? 
_refine.ls_R_factor_R_work                       0.2114 
_refine.ls_R_Fsqd_factor_obs                     ? 
_refine.ls_R_I_factor_obs                        ? 
_refine.ls_redundancy_reflns_all                 ? 
_refine.ls_redundancy_reflns_obs                 ? 
_refine.ls_restrained_S_all                      ? 
_refine.ls_restrained_S_obs                      ? 
_refine.ls_shift_over_esd_max                    ? 
_refine.ls_shift_over_esd_mean                   ? 
_refine.ls_structure_factor_coef                 ? 
_refine.ls_weighting_details                     ? 
_refine.ls_weighting_scheme                      ? 
_refine.ls_wR_factor_all                         ? 
_refine.ls_wR_factor_obs                         ? 
_refine.ls_wR_factor_R_free                      0.274 
_refine.ls_wR_factor_R_work                      0.220 
_refine.occupancy_max                            ? 
_refine.occupancy_min                            ? 
_refine.solvent_model_details                    'MASK BULK SOLVENT' 
_refine.solvent_model_param_bsol                 ? 
_refine.solvent_model_param_ksol                 ? 
_refine.pdbx_R_complete                          ? 
_refine.ls_R_factor_gt                           ? 
_refine.ls_goodness_of_fit_gt                    ? 
_refine.ls_goodness_of_fit_ref                   ? 
_refine.ls_shift_over_su_max                     ? 
_refine.ls_shift_over_su_max_lt                  ? 
_refine.ls_shift_over_su_mean                    ? 
_refine.ls_shift_over_su_mean_lt                 ? 
_refine.pdbx_ls_sigma_I                          ? 
_refine.pdbx_ls_sigma_F                          ? 
_refine.pdbx_ls_sigma_Fsqd                       ? 
_refine.pdbx_data_cutoff_high_absF               ? 
_refine.pdbx_data_cutoff_high_rms_absF           ? 
_refine.pdbx_data_cutoff_low_absF                ? 
_refine.pdbx_isotropic_thermal_model             ? 
_refine.pdbx_ls_cross_valid_method               'FREE R-VALUE' 
_refine.pdbx_method_to_determine_struct          'MOLECULAR REPLACEMENT' 
_refine.pdbx_starting_model                      7SI8 
_refine.pdbx_stereochemistry_target_values       ? 
_refine.pdbx_R_Free_selection_details            'Random selectoin' 
_refine.pdbx_stereochem_target_val_spec_case     ? 
_refine.pdbx_overall_ESU_R                       0.243 
_refine.pdbx_overall_ESU_R_Free                  0.201 
_refine.pdbx_solvent_vdw_probe_radii             1.200 
_refine.pdbx_solvent_ion_probe_radii             0.800 
_refine.pdbx_solvent_shrinkage_radii             0.800 
_refine.pdbx_real_space_R                        ? 
_refine.pdbx_density_correlation                 ? 
_refine.pdbx_pd_number_of_powder_patterns        ? 
_refine.pdbx_pd_number_of_points                 ? 
_refine.pdbx_pd_meas_number_of_points            ? 
_refine.pdbx_pd_proc_ls_prof_R_factor            ? 
_refine.pdbx_pd_proc_ls_prof_wR_factor           ? 
_refine.pdbx_pd_Marquardt_correlation_coeff      ? 
_refine.pdbx_pd_Fsqrd_R_factor                   ? 
_refine.pdbx_pd_ls_matrix_band_width             ? 
_refine.pdbx_overall_phase_error                 ? 
_refine.pdbx_overall_SU_R_free_Cruickshank_DPI   ? 
_refine.pdbx_overall_SU_R_free_Blow_DPI          ? 
_refine.pdbx_overall_SU_R_Blow_DPI               ? 
_refine.pdbx_TLS_residual_ADP_flag               ? 
_refine.pdbx_diffrn_id                           1 
_refine.overall_SU_B                             ? 
_refine.overall_SU_ML                            ? 
_refine.overall_SU_R_Cruickshank_DPI             ? 
_refine.overall_SU_R_free                        ? 
_refine.overall_FOM_free_R_set                   ? 
_refine.overall_FOM_work_R_set                   ? 
_refine.pdbx_average_fsc_overall                 ? 
_refine.pdbx_average_fsc_work                    0.9290 
_refine.pdbx_average_fsc_free                    0.9037 
# 
_refine_hist.pdbx_refine_id                   'X-RAY DIFFRACTION' 
_refine_hist.cycle_id                         LAST 
_refine_hist.details                          ? 
_refine_hist.d_res_high                       2.052 
_refine_hist.d_res_low                        7.985 
_refine_hist.number_atoms_solvent             30 
_refine_hist.number_atoms_total               440 
_refine_hist.number_reflns_all                ? 
_refine_hist.number_reflns_obs                ? 
_refine_hist.number_reflns_R_free             ? 
_refine_hist.number_reflns_R_work             ? 
_refine_hist.R_factor_all                     ? 
_refine_hist.R_factor_obs                     ? 
_refine_hist.R_factor_R_free                  ? 
_refine_hist.R_factor_R_work                  ? 
_refine_hist.pdbx_number_residues_total       ? 
_refine_hist.pdbx_B_iso_mean_ligand           ? 
_refine_hist.pdbx_B_iso_mean_solvent          ? 
_refine_hist.pdbx_number_atoms_protein        410 
_refine_hist.pdbx_number_atoms_nucleic_acid   0 
_refine_hist.pdbx_number_atoms_ligand         0 
_refine_hist.pdbx_number_atoms_lipid          ? 
_refine_hist.pdbx_number_atoms_carb           ? 
_refine_hist.pdbx_pseudo_atom_details         ? 
# 
loop_
_refine_ls_restr.pdbx_refine_id 
_refine_ls_restr.criterion 
_refine_ls_restr.dev_ideal 
_refine_ls_restr.dev_ideal_target 
_refine_ls_restr.number 
_refine_ls_restr.rejects 
_refine_ls_restr.type 
_refine_ls_restr.weight 
_refine_ls_restr.pdbx_restraint_function 
'X-RAY DIFFRACTION' ? 0.010  0.012  471  ? r_bond_refined_d               ? ? 
'X-RAY DIFFRACTION' ? 1.806  1.647  631  ? r_angle_refined_deg            ? ? 
'X-RAY DIFFRACTION' ? 3.500  5.000  60   ? r_dihedral_angle_1_deg         ? ? 
'X-RAY DIFFRACTION' ? 28.619 22.286 35   ? r_dihedral_angle_2_deg         ? ? 
'X-RAY DIFFRACTION' ? 17.781 15.000 96   ? r_dihedral_angle_3_deg         ? ? 
'X-RAY DIFFRACTION' ? 21.087 15.000 6    ? r_dihedral_angle_4_deg         ? ? 
'X-RAY DIFFRACTION' ? 0.102  0.200  58   ? r_chiral_restr                 ? ? 
'X-RAY DIFFRACTION' ? 0.008  0.020  373  ? r_gen_planes_refined           ? ? 
'X-RAY DIFFRACTION' ? 0.260  0.200  203  ? r_nbd_refined                  ? ? 
'X-RAY DIFFRACTION' ? 0.280  0.200  294  ? r_nbtor_refined                ? ? 
'X-RAY DIFFRACTION' ? 0.258  0.200  17   ? r_xyhbond_nbd_refined          ? ? 
'X-RAY DIFFRACTION' ? 0.328  0.200  71   ? r_symmetry_nbd_refined         ? ? 
'X-RAY DIFFRACTION' ? 0.166  0.200  7    ? r_symmetry_xyhbond_nbd_refined ? ? 
'X-RAY DIFFRACTION' ? 5.364  4.887  227  ? r_mcbond_it                    ? ? 
'X-RAY DIFFRACTION' ? 7.063  7.237  287  ? r_mcangle_it                   ? ? 
'X-RAY DIFFRACTION' ? 7.683  5.590  243  ? r_scbond_it                    ? ? 
'X-RAY DIFFRACTION' ? 11.021 8.083  340  ? r_scangle_it                   ? ? 
'X-RAY DIFFRACTION' ? 14.928 91.207 2027 ? r_lrange_it                    ? ? 
# 
loop_
_refine_ls_shell.pdbx_refine_id 
_refine_ls_shell.d_res_high 
_refine_ls_shell.d_res_low 
_refine_ls_shell.number_reflns_all 
_refine_ls_shell.number_reflns_obs 
_refine_ls_shell.number_reflns_R_free 
_refine_ls_shell.number_reflns_R_work 
_refine_ls_shell.percent_reflns_obs 
_refine_ls_shell.percent_reflns_R_free 
_refine_ls_shell.R_factor_all 
_refine_ls_shell.R_factor_obs 
_refine_ls_shell.R_factor_R_free 
_refine_ls_shell.R_factor_R_free_error 
_refine_ls_shell.R_factor_R_work 
_refine_ls_shell.redundancy_reflns_all 
_refine_ls_shell.redundancy_reflns_obs 
_refine_ls_shell.wR_factor_all 
_refine_ls_shell.wR_factor_obs 
_refine_ls_shell.wR_factor_R_free 
_refine_ls_shell.wR_factor_R_work 
_refine_ls_shell.pdbx_R_complete 
_refine_ls_shell.pdbx_total_number_of_bins_used 
_refine_ls_shell.pdbx_phase_error 
_refine_ls_shell.pdbx_fsc_work 
_refine_ls_shell.pdbx_fsc_free 
'X-RAY DIFFRACTION' 2.052 2.102 . . 31 245 98.9247 . . . 0.224 . 0.243 . . . . . . . . . . . 
'X-RAY DIFFRACTION' 2.102 2.155 . . 21 257 99.2857 . . . 0.357 . 0.230 . . . . . . . . . . . 
'X-RAY DIFFRACTION' 2.155 2.213 . . 24 242 99.2537 . . . 0.200 . 0.216 . . . . . . . . . . . 
'X-RAY DIFFRACTION' 2.213 2.276 . . 20 247 98.5240 . . . 0.306 . 0.219 . . . . . . . . . . . 
'X-RAY DIFFRACTION' 2.276 2.344 . . 14 240 99.2188 . . . 0.140 . 0.239 . . . . . . . . . . . 
'X-RAY DIFFRACTION' 2.344 2.419 . . 16 230 97.2332 . . . 0.289 . 0.218 . . . . . . . . . . . 
'X-RAY DIFFRACTION' 2.419 2.501 . . 17 211 95.3975 . . . 0.423 . 0.237 . . . . . . . . . . . 
'X-RAY DIFFRACTION' 2.501 2.593 . . 17 205 94.0678 . . . 0.389 . 0.228 . . . . . . . . . . . 
'X-RAY DIFFRACTION' 2.593 2.696 . . 24 206 99.1379 . . . 0.314 . 0.231 . . . . . . . . . . . 
'X-RAY DIFFRACTION' 2.696 2.811 . . 13 203 98.1818 . . . 0.359 . 0.219 . . . . . . . . . . . 
'X-RAY DIFFRACTION' 2.811 2.943 . . 22 189 98.5981 . . . 0.306 . 0.225 . . . . . . . . . . . 
'X-RAY DIFFRACTION' 2.943 3.096 . . 11 191 97.5845 . . . 0.365 . 0.228 . . . . . . . . . . . 
'X-RAY DIFFRACTION' 3.096 3.275 . . 20 163 96.8254 . . . 0.294 . 0.241 . . . . . . . . . . . 
'X-RAY DIFFRACTION' 3.275 3.489 . . 14 163 95.6757 . . . 0.233 . 0.211 . . . . . . . . . . . 
'X-RAY DIFFRACTION' 3.489 3.751 . . 9  144 90.5325 . . . 0.222 . 0.164 . . . . . . . . . . . 
'X-RAY DIFFRACTION' 3.751 4.083 . . 9  146 93.3735 . . . 0.163 . 0.161 . . . . . . . . . . . 
'X-RAY DIFFRACTION' 4.083 4.522 . . 12 127 93.2886 . . . 0.157 . 0.147 . . . . . . . . . . . 
'X-RAY DIFFRACTION' 4.522 5.143 . . 7  125 94.2857 . . . 0.209 . 0.173 . . . . . . . . . . . 
'X-RAY DIFFRACTION' 5.143 6.118 . . 8  108 93.5484 . . . 0.189 . 0.259 . . . . . . . . . . . 
'X-RAY DIFFRACTION' 6.118 7.985 . . 8  79  87.0000 . . . 0.437 . 0.421 . . . . . . . . . . . 
# 
_struct.entry_id                     7UG2 
_struct.title                        'Crystal structure of the coiled-coil domain of TRIM75' 
_struct.pdbx_model_details           ? 
_struct.pdbx_formula_weight          ? 
_struct.pdbx_formula_weight_method   ? 
_struct.pdbx_model_type_details      ? 
_struct.pdbx_CASP_flag               N 
# 
_struct_keywords.entry_id        7UG2 
_struct_keywords.text            'TRIM75, tetramerization, E3 ubiquitin ligase, Ubiquitination, coiled-coil, LIGASE' 
_struct_keywords.pdbx_keywords   LIGASE 
# 
loop_
_struct_asym.id 
_struct_asym.pdbx_blank_PDB_chainid_flag 
_struct_asym.pdbx_modified 
_struct_asym.entity_id 
_struct_asym.details 
A N N 1 ? 
B N N 2 ? 
C N N 2 ? 
D N N 3 ? 
E N N 4 ? 
# 
_struct_conf.conf_type_id            HELX_P 
_struct_conf.id                      HELX_P1 
_struct_conf.pdbx_PDB_helix_id       AA1 
_struct_conf.beg_label_comp_id       ALA 
_struct_conf.beg_label_asym_id       A 
_struct_conf.beg_label_seq_id        11 
_struct_conf.pdbx_beg_PDB_ins_code   ? 
_struct_conf.end_label_comp_id       LEU 
_struct_conf.end_label_asym_id       A 
_struct_conf.end_label_seq_id        58 
_struct_conf.pdbx_end_PDB_ins_code   ? 
_struct_conf.beg_auth_comp_id        ALA 
_struct_conf.beg_auth_asym_id        A 
_struct_conf.beg_auth_seq_id         174 
_struct_conf.end_auth_comp_id        LEU 
_struct_conf.end_auth_asym_id        A 
_struct_conf.end_auth_seq_id         221 
_struct_conf.pdbx_PDB_helix_class    1 
_struct_conf.details                 ? 
_struct_conf.pdbx_PDB_helix_length   48 
# 
_struct_conf_type.id          HELX_P 
_struct_conf_type.criteria    ? 
_struct_conf_type.reference   ? 
# 
_struct_conn.id                            disulf1 
_struct_conn.conn_type_id                  disulf 
_struct_conn.pdbx_leaving_atom_flag        ? 
_struct_conn.pdbx_PDB_id                   ? 
_struct_conn.ptnr1_label_asym_id           A 
_struct_conn.ptnr1_label_comp_id           CYS 
_struct_conn.ptnr1_label_seq_id            22 
_struct_conn.ptnr1_label_atom_id           SG 
_struct_conn.pdbx_ptnr1_label_alt_id       ? 
_struct_conn.pdbx_ptnr1_PDB_ins_code       ? 
_struct_conn.pdbx_ptnr1_standard_comp_id   ? 
_struct_conn.ptnr1_symmetry                1_555 
_struct_conn.ptnr2_label_asym_id           A 
_struct_conn.ptnr2_label_comp_id           CYS 
_struct_conn.ptnr2_label_seq_id            22 
_struct_conn.ptnr2_label_atom_id           SG 
_struct_conn.pdbx_ptnr2_label_alt_id       ? 
_struct_conn.pdbx_ptnr2_PDB_ins_code       ? 
_struct_conn.ptnr1_auth_asym_id            A 
_struct_conn.ptnr1_auth_comp_id            CYS 
_struct_conn.ptnr1_auth_seq_id             185 
_struct_conn.ptnr2_auth_asym_id            A 
_struct_conn.ptnr2_auth_comp_id            CYS 
_struct_conn.ptnr2_auth_seq_id             185 
_struct_conn.ptnr2_symmetry                10_665 
_struct_conn.pdbx_ptnr3_label_atom_id      ? 
_struct_conn.pdbx_ptnr3_label_seq_id       ? 
_struct_conn.pdbx_ptnr3_label_comp_id      ? 
_struct_conn.pdbx_ptnr3_label_asym_id      ? 
_struct_conn.pdbx_ptnr3_label_alt_id       ? 
_struct_conn.pdbx_ptnr3_PDB_ins_code       ? 
_struct_conn.details                       ? 
_struct_conn.pdbx_dist_value               2.097 
_struct_conn.pdbx_value_order              ? 
_struct_conn.pdbx_role                     ? 
# 
_struct_conn_type.id          disulf 
_struct_conn_type.criteria    ? 
_struct_conn_type.reference   ? 
# 
_atom_sites.entry_id                    7UG2 
_atom_sites.Cartn_transf_matrix[1][1]   ? 
_atom_sites.Cartn_transf_matrix[1][2]   ? 
_atom_sites.Cartn_transf_matrix[1][3]   ? 
_atom_sites.Cartn_transf_matrix[2][1]   ? 
_atom_sites.Cartn_transf_matrix[2][2]   ? 
_atom_sites.Cartn_transf_matrix[2][3]   ? 
_atom_sites.Cartn_transf_matrix[3][1]   ? 
_atom_sites.Cartn_transf_matrix[3][2]   ? 
_atom_sites.Cartn_transf_matrix[3][3]   ? 
_atom_sites.Cartn_transf_vector[1]      ? 
_atom_sites.Cartn_transf_vector[2]      ? 
_atom_sites.Cartn_transf_vector[3]      ? 
_atom_sites.fract_transf_matrix[1][1]   0.01347477 
_atom_sites.fract_transf_matrix[1][2]   -0.01504533 
_atom_sites.fract_transf_matrix[1][3]   -0.01145182 
_atom_sites.fract_transf_matrix[2][1]   -0.00593556 
_atom_sites.fract_transf_matrix[2][2]   0.00998557 
_atom_sites.fract_transf_matrix[2][3]   -0.02010306 
_atom_sites.fract_transf_matrix[3][1]   0.00575643 
_atom_sites.fract_transf_matrix[3][2]   0.00467985 
_atom_sites.fract_transf_matrix[3][3]   0.00062494 
_atom_sites.fract_transf_vector[1]      0.351652 
_atom_sites.fract_transf_vector[2]      0.483603 
_atom_sites.fract_transf_vector[3]      0.479305 
_atom_sites.solution_primary            ? 
_atom_sites.solution_secondary          ? 
_atom_sites.solution_hydrogens          ? 
_atom_sites.special_details             ? 
# 
loop_
_atom_type.symbol 
_atom_type.pdbx_scat_Z 
_atom_type.pdbx_N_electrons 
_atom_type.scat_Cromer_Mann_a1 
_atom_type.scat_Cromer_Mann_b1 
_atom_type.scat_Cromer_Mann_a2 
_atom_type.scat_Cromer_Mann_b2 
_atom_type.scat_Cromer_Mann_a3 
_atom_type.scat_Cromer_Mann_b3 
_atom_type.scat_Cromer_Mann_a4 
_atom_type.scat_Cromer_Mann_b4 
C 6  6  2.310  20.844 1.020 10.208 1.589 0.569  0.865 51.651 
N 7  7  12.222 0.006  3.135 9.893  2.014 28.997 1.167 0.583  
O 8  8  3.049  13.277 2.287 5.701  1.546 0.324  0.867 32.909 
S 16 16 6.905  1.468  5.203 22.215 1.438 0.254  1.586 56.172 
# 
loop_
_atom_site.group_PDB 
_atom_site.id 
_atom_site.type_symbol 
_atom_site.label_atom_id 
_atom_site.label_alt_id 
_atom_site.label_comp_id 
_atom_site.label_asym_id 
_atom_site.label_entity_id 
_atom_site.label_seq_id 
_atom_site.pdbx_PDB_ins_code 
_atom_site.Cartn_x 
_atom_site.Cartn_y 
_atom_site.Cartn_z 
_atom_site.occupancy 
_atom_site.B_iso_or_equiv 
_atom_site.pdbx_formal_charge 
_atom_site.auth_seq_id 
_atom_site.auth_comp_id 
_atom_site.auth_asym_id 
_atom_site.auth_atom_id 
_atom_site.pdbx_PDB_model_num 
_atom_site.calc_flag 
ATOM   1   N N   . ALA A 1 11 ? -26.286 -25.248 -10.247 1.000 81.780  ? 174 ALA A N   1 ? 
ATOM   2   C CA  . ALA A 1 11 ? -24.804 -25.366 -10.033 1.000 96.850  ? 174 ALA A CA  1 ? 
ATOM   3   C C   . ALA A 1 11 ? -24.099 -24.234 -10.768 1.000 109.500 ? 174 ALA A C   1 ? 
ATOM   4   O O   . ALA A 1 11 ? -23.258 -23.575 -10.170 1.000 119.720 ? 174 ALA A O   1 ? 
ATOM   5   C CB  . ALA A 1 11 ? -24.262 -26.720 -10.451 1.000 85.920  ? 174 ALA A CB  1 ? 
ATOM   6   N N   . GLU A 1 12 ? -24.455 -24.022 -12.048 1.000 101.620 ? 175 GLU A N   1 ? 
ATOM   7   C CA  . GLU A 1 12 ? -23.876 -22.964 -12.864 1.000 103.170 ? 175 GLU A CA  1 ? 
ATOM   8   C C   . GLU A 1 12 ? -24.171 -21.609 -12.222 1.000 118.030 ? 175 GLU A C   1 ? 
ATOM   9   O O   . GLU A 1 12 ? -23.305 -20.737 -12.205 1.000 128.150 ? 175 GLU A O   1 ? 
ATOM   10  C CB  . GLU A 1 12 ? -24.331 -23.044 -14.322 1.000 88.800  ? 175 GLU A CB  1 ? 
ATOM   11  N N   . ALA A 1 13 ? -25.377 -21.466 -11.652 1.000 117.590 ? 176 ALA A N   1 ? 
ATOM   12  C CA  . ALA A 1 13 ? -25.741 -20.287 -10.876 1.000 115.430 ? 176 ALA A CA  1 ? 
ATOM   13  C C   . ALA A 1 13 ? -24.726 -20.058 -9.753  1.000 119.310 ? 176 ALA A C   1 ? 
ATOM   14  O O   . ALA A 1 13 ? -24.184 -18.956 -9.626  1.000 125.130 ? 176 ALA A O   1 ? 
ATOM   15  C CB  . ALA A 1 13 ? -27.142 -20.430 -10.335 1.000 116.070 ? 176 ALA A CB  1 ? 
ATOM   16  N N   . GLN A 1 14 ? -24.459 -21.115 -8.965  1.000 107.320 ? 177 GLN A N   1 ? 
ATOM   17  C CA  . GLN A 1 14 ? -23.468 -21.066 -7.900  1.000 92.030  ? 177 GLN A CA  1 ? 
ATOM   18  C C   . GLN A 1 14 ? -22.109 -20.673 -8.477  1.000 89.950  ? 177 GLN A C   1 ? 
ATOM   19  O O   . GLN A 1 14 ? -21.570 -19.644 -8.071  1.000 76.710  ? 177 GLN A O   1 ? 
ATOM   20  C CB  . GLN A 1 14 ? -23.410 -22.363 -7.088  1.000 94.310  ? 177 GLN A CB  1 ? 
ATOM   21  C CG  . GLN A 1 14 ? -22.610 -22.233 -5.792  1.000 91.190  ? 177 GLN A CG  1 ? 
ATOM   22  C CD  . GLN A 1 14 ? -22.863 -23.318 -4.770  1.000 98.180  ? 177 GLN A CD  1 ? 
ATOM   23  O OE1 . GLN A 1 14 ? -23.952 -23.449 -4.215  1.000 110.770 ? 177 GLN A OE1 1 ? 
ATOM   24  N NE2 . GLN A 1 14 ? -21.838 -24.102 -4.479  1.000 102.740 ? 177 GLN A NE2 1 ? 
ATOM   25  N N   . ARG A 1 15 ? -21.585 -21.469 -9.431  1.000 76.100  ? 178 ARG A N   1 ? 
ATOM   26  C CA  . ARG A 1 15 ? -20.229 -21.282 -9.942  1.000 84.200  ? 178 ARG A CA  1 ? 
ATOM   27  C C   . ARG A 1 15 ? -20.035 -19.875 -10.509 1.000 77.100  ? 178 ARG A C   1 ? 
ATOM   28  O O   . ARG A 1 15 ? -19.006 -19.254 -10.240 1.000 60.730  ? 178 ARG A O   1 ? 
ATOM   29  C CB  . ARG A 1 15 ? -19.794 -22.372 -10.931 1.000 91.380  ? 178 ARG A CB  1 ? 
ATOM   30  C CG  . ARG A 1 15 ? -18.346 -22.272 -11.401 1.000 91.410  ? 178 ARG A CG  1 ? 
ATOM   31  C CD  . ARG A 1 15 ? -17.708 -23.493 -12.053 1.000 104.110 ? 178 ARG A CD  1 ? 
ATOM   32  N NE  . ARG A 1 15 ? -17.444 -24.557 -11.086 1.000 122.530 ? 178 ARG A NE  1 ? 
ATOM   33  C CZ  . ARG A 1 15 ? -18.298 -25.526 -10.727 1.000 119.230 ? 178 ARG A CZ  1 ? 
ATOM   34  N NH1 . ARG A 1 15 ? -19.509 -25.594 -11.254 1.000 115.580 ? 178 ARG A NH1 1 ? 
ATOM   35  N NH2 . ARG A 1 15 ? -17.934 -26.424 -9.827  1.000 117.130 ? 178 ARG A NH2 1 ? 
ATOM   36  N N   . SER A 1 16 ? -21.015 -19.381 -11.276 1.000 62.530  ? 179 SER A N   1 ? 
ATOM   37  C CA  . SER A 1 16 ? -20.996 -17.998 -11.736 1.000 67.750  ? 179 SER A CA  1 ? 
ATOM   38  C C   . SER A 1 16 ? -20.919 -17.003 -10.561 1.000 71.830  ? 179 SER A C   1 ? 
ATOM   39  O O   . SER A 1 16 ? -20.078 -16.091 -10.561 1.000 60.060  ? 179 SER A O   1 ? 
ATOM   40  C CB  . SER A 1 16 ? -22.165 -17.738 -12.660 1.000 76.500  ? 179 SER A CB  1 ? 
ATOM   41  O OG  . SER A 1 16 ? -22.043 -16.472 -13.296 1.000 87.420  ? 179 SER A OG  1 ? 
ATOM   42  N N   . GLN A 1 17 ? -21.773 -17.192 -9.542  1.000 63.130  ? 180 GLN A N   1 ? 
ATOM   43  C CA  . GLN A 1 17 ? -21.759 -16.343 -8.357  1.000 65.330  ? 180 GLN A CA  1 ? 
ATOM   44  C C   . GLN A 1 17 ? -20.442 -16.483 -7.570  1.000 53.620  ? 180 GLN A C   1 ? 
ATOM   45  O O   . GLN A 1 17 ? -19.868 -15.486 -7.139  1.000 48.370  ? 180 GLN A O   1 ? 
ATOM   46  C CB  . GLN A 1 17 ? -22.971 -16.574 -7.440  1.000 68.720  ? 180 GLN A CB  1 ? 
ATOM   47  C CG  . GLN A 1 17 ? -22.969 -15.728 -6.164  1.000 89.030  ? 180 GLN A CG  1 ? 
ATOM   48  C CD  . GLN A 1 17 ? -23.196 -14.254 -6.418  1.000 98.900  ? 180 GLN A CD  1 ? 
ATOM   49  O OE1 . GLN A 1 17 ? -22.329 -13.446 -6.107  1.000 121.510 ? 180 GLN A OE1 1 ? 
ATOM   50  N NE2 . GLN A 1 17 ? -24.355 -13.885 -6.964  1.000 85.940  ? 180 GLN A NE2 1 ? 
ATOM   51  N N   . LEU A 1 18 ? -19.973 -17.702 -7.301  1.000 53.690  ? 181 LEU A N   1 ? 
ATOM   52  C CA  . LEU A 1 18 ? -18.795 -17.775 -6.462  1.000 53.600  ? 181 LEU A CA  1 ? 
ATOM   53  C C   . LEU A 1 18 ? -17.591 -17.204 -7.202  1.000 58.860  ? 181 LEU A C   1 ? 
ATOM   54  O O   . LEU A 1 18 ? -16.701 -16.698 -6.542  1.000 54.030  ? 181 LEU A O   1 ? 
ATOM   55  C CB  . LEU A 1 18 ? -18.521 -19.186 -5.954  1.000 54.240  ? 181 LEU A CB  1 ? 
ATOM   56  C CG  . LEU A 1 18 ? -19.472 -19.699 -4.874  1.000 64.560  ? 181 LEU A CG  1 ? 
ATOM   57  C CD1 . LEU A 1 18 ? -19.251 -21.184 -4.670  1.000 73.890  ? 181 LEU A CD1 1 ? 
ATOM   58  C CD2 . LEU A 1 18 ? -19.270 -18.977 -3.556  1.000 62.100  ? 181 LEU A CD2 1 ? 
ATOM   59  N N   . THR A 1 19 ? -17.574 -17.271 -8.544  1.000 56.380  ? 182 THR A N   1 ? 
ATOM   60  C CA  . THR A 1 19 ? -16.421 -16.797 -9.307  1.000 56.940  ? 182 THR A CA  1 ? 
ATOM   61  C C   . THR A 1 19 ? -16.387 -15.284 -9.256  1.000 53.760  ? 182 THR A C   1 ? 
ATOM   62  O O   . THR A 1 19 ? -15.334 -14.683 -9.069  1.000 47.410  ? 182 THR A O   1 ? 
ATOM   63  C CB  . THR A 1 19 ? -16.408 -17.225 -10.788 1.000 55.570  ? 182 THR A CB  1 ? 
ATOM   64  O OG1 . THR A 1 19 ? -16.202 -18.635 -10.787 1.000 56.660  ? 182 THR A OG1 1 ? 
ATOM   65  C CG2 . THR A 1 19 ? -15.286 -16.604 -11.593 1.000 51.050  ? 182 THR A CG2 1 ? 
ATOM   66  N N   . SER A 1 20 ? -17.561 -14.685 -9.424  1.000 48.550  ? 183 SER A N   1 ? 
ATOM   67  C CA  . SER A 1 20 ? -17.684 -13.245 -9.386  1.000 50.090  ? 183 SER A CA  1 ? 
ATOM   68  C C   . SER A 1 20 ? -17.348 -12.689 -7.990  1.000 43.120  ? 183 SER A C   1 ? 
ATOM   69  O O   . SER A 1 20 ? -16.782 -11.600 -7.883  1.000 48.620  ? 183 SER A O   1 ? 
ATOM   70  C CB  . SER A 1 20 ? -19.059 -12.880 -9.793  1.000 56.150  ? 183 SER A CB  1 ? 
ATOM   71  O OG  . SER A 1 20 ? -19.116 -11.475 -9.913  1.000 71.120  ? 183 SER A OG  1 ? 
ATOM   72  N N   . GLU A 1 21 ? -17.726 -13.425 -6.931  1.000 45.860  ? 184 GLU A N   1 ? 
ATOM   73  C CA  . GLU A 1 21 ? -17.336 -13.097 -5.565  1.000 48.460  ? 184 GLU A CA  1 ? 
ATOM   74  C C   . GLU A 1 21 ? -15.804 -13.106 -5.418  1.000 41.650  ? 184 GLU A C   1 ? 
ATOM   75  O O   . GLU A 1 21 ? -15.242 -12.237 -4.754  1.000 43.000  ? 184 GLU A O   1 ? 
ATOM   76  C CB  . GLU A 1 21 ? -17.968 -14.073 -4.570  1.000 53.500  ? 184 GLU A CB  1 ? 
ATOM   77  C CG  . GLU A 1 21 ? -19.474 -13.930 -4.380  1.000 77.300  ? 184 GLU A CG  1 ? 
ATOM   78  C CD  . GLU A 1 21 ? -20.057 -14.987 -3.440  1.000 98.860  ? 184 GLU A CD  1 ? 
ATOM   79  O OE1 . GLU A 1 21 ? -19.397 -15.303 -2.414  1.000 97.190  ? 184 GLU A OE1 1 ? 
ATOM   80  O OE2 . GLU A 1 21 ? -21.172 -15.514 -3.724  1.000 101.410 ? 184 GLU A OE2 1 ? 
ATOM   81  N N   . CYS A 1 22 ? -15.126 -14.132 -5.971  1.000 40.380  ? 185 CYS A N   1 ? 
ATOM   82  C CA  . CYS A 1 22 ? -13.664 -14.182 -6.008  1.000 37.590  ? 185 CYS A CA  1 ? 
ATOM   83  C C   . CYS A 1 22 ? -13.079 -12.924 -6.628  1.000 40.310  ? 185 CYS A C   1 ? 
ATOM   84  O O   . CYS A 1 22 ? -12.183 -12.295 -6.061  1.000 35.760  ? 185 CYS A O   1 ? 
ATOM   85  C CB  . CYS A 1 22 ? -13.086 -15.365 -6.780  1.000 44.690  ? 185 CYS A CB  1 ? 
ATOM   86  S SG  . CYS A 1 22 ? -11.320 -15.596 -6.382  1.000 44.240  ? 185 CYS A SG  1 ? 
ATOM   87  N N   . GLU A 1 23 ? -13.554 -12.590 -7.834  1.000 36.220  ? 186 GLU A N   1 ? 
ATOM   88  C CA  . GLU A 1 23 ? -13.074 -11.410 -8.512  1.000 39.090  ? 186 GLU A CA  1 ? 
ATOM   89  C C   . GLU A 1 23 ? -13.241 -10.132 -7.687  1.000 40.380  ? 186 GLU A C   1 ? 
ATOM   90  O O   . GLU A 1 23 ? -12.368 -9.254  -7.732  1.000 37.310  ? 186 GLU A O   1 ? 
ATOM   91  C CB  . GLU A 1 23 ? -13.845 -11.158 -9.804  1.000 41.970  ? 186 GLU A CB  1 ? 
ATOM   92  C CG  . GLU A 1 23 ? -12.993 -10.207 -10.597 1.000 52.150  ? 186 GLU A CG  1 ? 
ATOM   93  C CD  . GLU A 1 23 ? -13.478 -9.448  -11.809 1.000 76.880  ? 186 GLU A CD  1 ? 
ATOM   94  O OE1 . GLU A 1 23 ? -14.143 -10.081 -12.661 1.000 81.080  ? 186 GLU A OE1 1 ? 
ATOM   95  O OE2 . GLU A 1 23 ? -13.129 -8.225  -11.913 1.000 90.310  ? 186 GLU A OE2 1 ? 
ATOM   96  N N   . LYS A 1 24 ? -14.425 -9.950  -7.069  1.000 34.740  ? 187 LYS A N   1 ? 
ATOM   97  C CA  . LYS A 1 24 ? -14.734 -8.719  -6.325  1.000 40.570  ? 187 LYS A CA  1 ? 
ATOM   98  C C   . LYS A 1 24 ? -13.837 -8.617  -5.098  1.000 38.230  ? 187 LYS A C   1 ? 
ATOM   99  O O   . LYS A 1 24 ? -13.391 -7.518  -4.738  1.000 41.300  ? 187 LYS A O   1 ? 
ATOM   100 C CB  . LYS A 1 24 ? -16.210 -8.693  -5.873  1.000 35.630  ? 187 LYS A CB  1 ? 
ATOM   101 C CG  . LYS A 1 24 ? -17.173 -8.327  -6.991  1.000 38.750  ? 187 LYS A CG  1 ? 
ATOM   102 C CD  . LYS A 1 24 ? -18.613 -8.819  -6.821  1.000 57.980  ? 187 LYS A CD  1 ? 
ATOM   103 C CE  . LYS A 1 24 ? -19.425 -8.653  -8.095  1.000 57.910  ? 187 LYS A CE  1 ? 
ATOM   104 N NZ  . LYS A 1 24 ? -19.891 -7.255  -8.297  1.000 67.810  ? 187 LYS A NZ  1 ? 
ATOM   105 N N   . LEU A 1 25 ? -13.611 -9.785  -4.462  1.000 37.250  ? 188 LEU A N   1 ? 
ATOM   106 C CA  . LEU A 1 25 ? -12.753 -9.869  -3.285  1.000 33.660  ? 188 LEU A CA  1 ? 
ATOM   107 C C   . LEU A 1 25 ? -11.351 -9.437  -3.692  1.000 36.060  ? 188 LEU A C   1 ? 
ATOM   108 O O   . LEU A 1 25 ? -10.748 -8.620  -3.013  1.000 36.520  ? 188 LEU A O   1 ? 
ATOM   109 C CB  . LEU A 1 25 ? -12.816 -11.279 -2.641  1.000 41.920  ? 188 LEU A CB  1 ? 
ATOM   110 C CG  . LEU A 1 25 ? -11.777 -11.630 -1.562  1.000 39.810  ? 188 LEU A CG  1 ? 
ATOM   111 C CD1 . LEU A 1 25 ? -11.875 -10.701 -0.344  1.000 42.420  ? 188 LEU A CD1 1 ? 
ATOM   112 C CD2 . LEU A 1 25 ? -11.888 -13.081 -1.082  1.000 39.440  ? 188 LEU A CD2 1 ? 
ATOM   113 N N   . MET A 1 26 ? -10.859 -9.957  -4.827  1.000 36.590  ? 189 MET A N   1 ? 
ATOM   114 C CA  . MET A 1 26 ? -9.486  -9.721  -5.249  1.000 42.490  ? 189 MET A CA  1 ? 
ATOM   115 C C   . MET A 1 26 ? -9.275  -8.240  -5.592  1.000 41.290  ? 189 MET A C   1 ? 
ATOM   116 O O   . MET A 1 26 ? -8.232  -7.656  -5.275  1.000 36.950  ? 189 MET A O   1 ? 
ATOM   117 C CB  . MET A 1 26 ? -9.105  -10.588 -6.468  1.000 39.530  ? 189 MET A CB  1 ? 
ATOM   118 C CG  . MET A 1 26 ? -8.943  -12.084 -6.149  1.000 51.740  ? 189 MET A CG  1 ? 
ATOM   119 S SD  . MET A 1 26 ? -7.852  -12.870 -7.407  1.000 56.120  ? 189 MET A SD  1 ? 
ATOM   120 C CE  . MET A 1 26 ? -8.937  -12.925 -8.831  1.000 56.430  ? 189 MET A CE  1 ? 
ATOM   121 N N   . ARG A 1 27 ? -10.274 -7.643  -6.249  1.000 39.830  ? 190 ARG A N   1 ? 
ATOM   122 C CA  . ARG A 1 27 ? -10.212 -6.247  -6.635  1.000 38.430  ? 190 ARG A CA  1 ? 
ATOM   123 C C   . ARG A 1 27 ? -10.245 -5.336  -5.400  1.000 36.740  ? 190 ARG A C   1 ? 
ATOM   124 O O   . ARG A 1 27 ? -9.524  -4.332  -5.324  1.000 36.520  ? 190 ARG A O   1 ? 
ATOM   125 C CB  . ARG A 1 27 ? -11.366 -5.957  -7.598  1.000 44.500  ? 190 ARG A CB  1 ? 
ATOM   126 C CG  . ARG A 1 27 ? -11.440 -4.500  -8.044  1.000 59.190  ? 190 ARG A CG  1 ? 
ATOM   127 C CD  . ARG A 1 27 ? -10.204 -4.165  -8.893  1.000 89.000  ? 190 ARG A CD  1 ? 
ATOM   128 N NE  . ARG A 1 27 ? -9.444  -5.293  -9.472  1.000 93.730  ? 190 ARG A NE  1 ? 
ATOM   129 C CZ  . ARG A 1 27 ? -9.432  -5.710  -10.751 1.000 104.960 ? 190 ARG A CZ  1 ? 
ATOM   130 N NH1 . ARG A 1 27 ? -10.145 -5.098  -11.682 1.000 96.260  ? 190 ARG A NH1 1 ? 
ATOM   131 N NH2 . ARG A 1 27 ? -8.692  -6.755  -11.095 1.000 100.270 ? 190 ARG A NH2 1 ? 
ATOM   132 N N   . PHE A 1 28 ? -11.101 -5.674  -4.423  1.000 35.700  ? 191 PHE A N   1 ? 
ATOM   133 C CA  . PHE A 1 28 ? -11.168 -4.912  -3.181  1.000 34.420  ? 191 PHE A CA  1 ? 
ATOM   134 C C   . PHE A 1 28 ? -9.797  -4.933  -2.505  1.000 41.030  ? 191 PHE A C   1 ? 
ATOM   135 O O   . PHE A 1 28 ? -9.258  -3.882  -2.116  1.000 38.670  ? 191 PHE A O   1 ? 
ATOM   136 C CB  . PHE A 1 28 ? -12.343 -5.366  -2.271  1.000 35.760  ? 191 PHE A CB  1 ? 
ATOM   137 C CG  . PHE A 1 28 ? -12.196 -4.833  -0.871  1.000 37.240  ? 191 PHE A CG  1 ? 
ATOM   138 C CD1 . PHE A 1 28 ? -12.525 -3.507  -0.581  1.000 35.660  ? 191 PHE A CD1 1 ? 
ATOM   139 C CD2 . PHE A 1 28 ? -11.610 -5.627  0.127   1.000 39.550  ? 191 PHE A CD2 1 ? 
ATOM   140 C CE1 . PHE A 1 28 ? -12.275 -3.002  0.688   1.000 37.610  ? 191 PHE A CE1 1 ? 
ATOM   141 C CE2 . PHE A 1 28 ? -11.379 -5.118  1.399   1.000 41.610  ? 191 PHE A CE2 1 ? 
ATOM   142 C CZ  . PHE A 1 28 ? -11.699 -3.798  1.663   1.000 37.280  ? 191 PHE A CZ  1 ? 
ATOM   143 N N   . LEU A 1 29 ? -9.225  -6.143  -2.364  1.000 35.430  ? 192 LEU A N   1 ? 
ATOM   144 C CA  . LEU A 1 29 ? -7.926  -6.288  -1.729  1.000 40.500  ? 192 LEU A CA  1 ? 
ATOM   145 C C   . LEU A 1 29 ? -6.839  -5.548  -2.521  1.000 38.100  ? 192 LEU A C   1 ? 
ATOM   146 O O   . LEU A 1 29 ? -5.917  -5.000  -1.923  1.000 35.670  ? 192 LEU A O   1 ? 
ATOM   147 C CB  . LEU A 1 29 ? -7.624  -7.775  -1.585  1.000 40.690  ? 192 LEU A CB  1 ? 
ATOM   148 C CG  . LEU A 1 29 ? -8.449  -8.476  -0.497  1.000 39.070  ? 192 LEU A CG  1 ? 
ATOM   149 C CD1 . LEU A 1 29 ? -8.371  -9.993  -0.678  1.000 40.320  ? 192 LEU A CD1 1 ? 
ATOM   150 C CD2 . LEU A 1 29 ? -7.885  -8.125  0.876   1.000 36.130  ? 192 LEU A CD2 1 ? 
ATOM   151 N N   . ASP A 1 30 ? -6.955  -5.514  -3.856  1.000 38.870  ? 193 ASP A N   1 ? 
ATOM   152 C CA  . ASP A 1 30 ? -6.023  -4.777  -4.704  1.000 36.130  ? 193 ASP A CA  1 ? 
ATOM   153 C C   . ASP A 1 30 ? -6.013  -3.287  -4.387  1.000 37.050  ? 193 ASP A C   1 ? 
ATOM   154 O O   . ASP A 1 30 ? -4.941  -2.697  -4.207  1.000 36.170  ? 193 ASP A O   1 ? 
ATOM   155 C CB  . ASP A 1 30 ? -6.298  -4.967  -6.210  1.000 37.290  ? 193 ASP A CB  1 ? 
ATOM   156 C CG  . ASP A 1 30 ? -5.743  -6.297  -6.697  1.000 45.420  ? 193 ASP A CG  1 ? 
ATOM   157 O OD1 . ASP A 1 30 ? -4.899  -6.873  -5.957  1.000 41.710  ? 193 ASP A OD1 1 ? 
ATOM   158 O OD2 . ASP A 1 30 ? -6.209  -6.805  -7.746  1.000 39.620  ? 193 ASP A OD2 1 ? 
ATOM   159 N N   A GLN A 1 31 ? -7.213  -2.696  -4.219  0.500 34.330  ? 194 GLN A N   1 ? 
ATOM   160 N N   B GLN A 1 31 ? -7.194  -2.649  -4.406  0.500 36.100  ? 194 GLN A N   1 ? 
ATOM   161 C CA  A GLN A 1 31 ? -7.348  -1.299  -3.832  0.500 32.890  ? 194 GLN A CA  1 ? 
ATOM   162 C CA  B GLN A 1 31 ? -7.206  -1.210  -4.209  0.500 36.380  ? 194 GLN A CA  1 ? 
ATOM   163 C C   A GLN A 1 31 ? -6.786  -1.049  -2.433  0.500 35.690  ? 194 GLN A C   1 ? 
ATOM   164 C C   B GLN A 1 31 ? -6.705  -0.891  -2.801  0.500 38.500  ? 194 GLN A C   1 ? 
ATOM   165 O O   A GLN A 1 31 ? -6.047  -0.087  -2.209  0.500 33.240  ? 194 GLN A O   1 ? 
ATOM   166 O O   B GLN A 1 31 ? -5.943  0.059   -2.622  0.500 38.290  ? 194 GLN A O   1 ? 
ATOM   167 C CB  A GLN A 1 31 ? -8.822  -0.875  -3.827  0.500 36.470  ? 194 GLN A CB  1 ? 
ATOM   168 C CB  B GLN A 1 31 ? -8.589  -0.608  -4.477  0.500 40.040  ? 194 GLN A CB  1 ? 
ATOM   169 C CG  A GLN A 1 31 ? -9.522  -1.113  -5.151  0.500 33.800  ? 194 GLN A CG  1 ? 
ATOM   170 C CG  B GLN A 1 31 ? -9.606  -1.004  -3.416  0.500 39.410  ? 194 GLN A CG  1 ? 
ATOM   171 C CD  A GLN A 1 31 ? -11.025 -0.917  -5.144  0.500 43.190  ? 194 GLN A CD  1 ? 
ATOM   172 C CD  B GLN A 1 31 ? -9.857  -0.052  -2.270  0.500 42.630  ? 194 GLN A CD  1 ? 
ATOM   173 O OE1 A GLN A 1 31 ? -11.589 -0.487  -6.150  0.500 45.380  ? 194 GLN A OE1 1 ? 
ATOM   174 O OE1 B GLN A 1 31 ? -9.392  1.092   -2.224  0.500 50.880  ? 194 GLN A OE1 1 ? 
ATOM   175 N NE2 A GLN A 1 31 ? -11.693 -1.219  -4.028  0.500 37.560  ? 194 GLN A NE2 1 ? 
ATOM   176 N NE2 B GLN A 1 31 ? -10.632 -0.530  -1.316  0.500 42.260  ? 194 GLN A NE2 1 ? 
ATOM   177 N N   A GLU A 1 32 ? -7.191  -1.881  -1.465  0.500 31.190  ? 195 GLU A N   1 ? 
ATOM   178 N N   B GLU A 1 32 ? -7.129  -1.684  -1.802  0.500 37.520  ? 195 GLU A N   1 ? 
ATOM   179 C CA  A GLU A 1 32 ? -6.737  -1.672  -0.110  0.500 35.940  ? 195 GLU A CA  1 ? 
ATOM   180 C CA  B GLU A 1 32 ? -6.728  -1.431  -0.429  0.500 37.870  ? 195 GLU A CA  1 ? 
ATOM   181 C C   A GLU A 1 32 ? -5.213  -1.763  -0.071  0.500 39.730  ? 195 GLU A C   1 ? 
ATOM   182 C C   B GLU A 1 32 ? -5.209  -1.596  -0.298  0.500 41.020  ? 195 GLU A C   1 ? 
ATOM   183 O O   A GLU A 1 32 ? -4.554  -1.035  0.668   0.500 38.840  ? 195 GLU A O   1 ? 
ATOM   184 O O   B GLU A 1 32 ? -4.534  -0.767  0.309   0.500 41.120  ? 195 GLU A O   1 ? 
ATOM   185 C CB  A GLU A 1 32 ? -7.415  -2.632  0.865   0.500 38.200  ? 195 GLU A CB  1 ? 
ATOM   186 C CB  B GLU A 1 32 ? -7.566  -2.246  0.566   0.500 43.300  ? 195 GLU A CB  1 ? 
ATOM   187 C CG  A GLU A 1 32 ? -7.247  -2.172  2.301   0.500 46.820  ? 195 GLU A CG  1 ? 
ATOM   188 C CG  B GLU A 1 32 ? -8.553  -1.409  1.405   0.500 46.670  ? 195 GLU A CG  1 ? 
ATOM   189 C CD  A GLU A 1 32 ? -5.899  -2.638  2.805   0.500 47.200  ? 195 GLU A CD  1 ? 
ATOM   190 C CD  B GLU A 1 32 ? -9.723  -0.726  0.688   0.500 54.350  ? 195 GLU A CD  1 ? 
ATOM   191 O OE1 A GLU A 1 32 ? -5.236  -1.889  3.555   0.500 53.180  ? 195 GLU A OE1 1 ? 
ATOM   192 O OE1 B GLU A 1 32 ? -9.988  -1.097  -0.488  0.500 53.680  ? 195 GLU A OE1 1 ? 
ATOM   193 O OE2 A GLU A 1 32 ? -5.526  -3.765  2.438   0.500 46.910  ? 195 GLU A OE2 1 ? 
ATOM   194 O OE2 B GLU A 1 32 ? -10.388 0.178   1.301   0.500 42.510  ? 195 GLU A OE2 1 ? 
ATOM   195 N N   . GLU A 1 33 ? -4.661  -2.666  -0.888  1.000 36.980  ? 196 GLU A N   1 ? 
ATOM   196 C CA  . GLU A 1 33 ? -3.236  -2.930  -0.831  1.000 36.260  ? 196 GLU A CA  1 ? 
ATOM   197 C C   . GLU A 1 33 ? -2.469  -1.779  -1.515  1.000 34.500  ? 196 GLU A C   1 ? 
ATOM   198 O O   . GLU A 1 33 ? -1.441  -1.306  -1.027  1.000 41.390  ? 196 GLU A O   1 ? 
ATOM   199 C CB  . GLU A 1 33 ? -3.037  -4.339  -1.402  1.000 41.540  ? 196 GLU A CB  1 ? 
ATOM   200 C CG  . GLU A 1 33 ? -3.491  -5.410  -0.398  1.000 40.950  ? 196 GLU A CG  1 ? 
ATOM   201 C CD  . GLU A 1 33 ? -3.480  -6.857  -0.873  1.000 49.910  ? 196 GLU A CD  1 ? 
ATOM   202 O OE1 . GLU A 1 33 ? -3.000  -7.115  -2.038  1.000 45.230  ? 196 GLU A OE1 1 ? 
ATOM   203 O OE2 . GLU A 1 33 ? -3.937  -7.749  -0.075  1.000 40.740  ? 196 GLU A OE2 1 ? 
ATOM   204 N N   . ARG A 1 34 ? -3.023  -1.314  -2.638  1.000 35.820  ? 197 ARG A N   1 ? 
ATOM   205 C CA  . ARG A 1 34 ? -2.422  -0.197  -3.416  1.000 40.840  ? 197 ARG A CA  1 ? 
ATOM   206 C C   . ARG A 1 34 ? -2.377  1.062   -2.540  1.000 41.350  ? 197 ARG A C   1 ? 
ATOM   207 O O   . ARG A 1 34 ? -1.403  1.831   -2.666  1.000 39.800  ? 197 ARG A O   1 ? 
ATOM   208 C CB  . ARG A 1 34 ? -3.226  0.053   -4.696  1.000 46.340  ? 197 ARG A CB  1 ? 
ATOM   209 C CG  . ARG A 1 34 ? -2.679  1.174   -5.566  1.000 57.710  ? 197 ARG A CG  1 ? 
ATOM   210 C CD  . ARG A 1 34 ? -3.668  1.610   -6.632  1.000 58.700  ? 197 ARG A CD  1 ? 
ATOM   211 N NE  . ARG A 1 34 ? -3.737  0.670   -7.742  1.000 55.390  ? 197 ARG A NE  1 ? 
ATOM   212 C CZ  . ARG A 1 34 ? -2.975  0.730   -8.828  1.000 53.430  ? 197 ARG A CZ  1 ? 
ATOM   213 N NH1 . ARG A 1 34 ? -3.113  -0.171  -9.785  1.000 43.050  ? 197 ARG A NH1 1 ? 
ATOM   214 N NH2 . ARG A 1 34 ? -2.077  1.691   -8.953  1.000 41.860  ? 197 ARG A NH2 1 ? 
ATOM   215 N N   . ALA A 1 35 ? -3.390  1.256   -1.688  1.000 38.690  ? 198 ALA A N   1 ? 
ATOM   216 C CA  . ALA A 1 35 ? -3.443  2.414   -0.816  1.000 35.720  ? 198 ALA A CA  1 ? 
ATOM   217 C C   . ALA A 1 35 ? -2.427  2.264   0.321   1.000 43.200  ? 198 ALA A C   1 ? 
ATOM   218 O O   . ALA A 1 35 ? -1.880  3.277   0.809   1.000 36.000  ? 198 ALA A O   1 ? 
ATOM   219 C CB  . ALA A 1 35 ? -4.827  2.550   -0.209  1.000 36.610  ? 198 ALA A CB  1 ? 
ATOM   220 N N   . ALA A 1 36 ? -2.313  1.036   0.847   1.000 37.230  ? 199 ALA A N   1 ? 
ATOM   221 C CA  . ALA A 1 36 ? -1.402  0.763   1.945   1.000 37.860  ? 199 ALA A CA  1 ? 
ATOM   222 C C   . ALA A 1 36 ? 0.049   0.984   1.512   1.000 32.600  ? 199 ALA A C   1 ? 
ATOM   223 O O   . ALA A 1 36 ? 0.850   1.479   2.307   1.000 39.780  ? 199 ALA A O   1 ? 
ATOM   224 C CB  . ALA A 1 36 ? -1.631  -0.641  2.499   1.000 39.480  ? 199 ALA A CB  1 ? 
ATOM   225 N N   A PHE A 1 37 ? 0.331   0.655   0.252   0.500 35.130  ? 200 PHE A N   1 ? 
ATOM   226 N N   B PHE A 1 37 ? 0.403   0.588   0.285   0.500 37.510  ? 200 PHE A N   1 ? 
ATOM   227 C CA  A PHE A 1 37 ? 1.610   0.895   -0.394  0.500 35.070  ? 200 PHE A CA  1 ? 
ATOM   228 C CA  B PHE A 1 37 ? 1.763   0.684   -0.235  0.500 38.550  ? 200 PHE A CA  1 ? 
ATOM   229 C C   A PHE A 1 37 ? 1.901   2.398   -0.408  0.500 38.880  ? 200 PHE A C   1 ? 
ATOM   230 C C   B PHE A 1 37 ? 2.106   2.148   -0.522  0.500 43.020  ? 200 PHE A C   1 ? 
ATOM   231 O O   A PHE A 1 37 ? 2.895   2.799   0.212   0.500 31.780  ? 200 PHE A O   1 ? 
ATOM   232 O O   B PHE A 1 37 ? 3.278   2.555   -0.538  0.500 37.710  ? 200 PHE A O   1 ? 
ATOM   233 C CB  A PHE A 1 37 ? 1.677   0.254   -1.785  0.500 37.170  ? 200 PHE A CB  1 ? 
ATOM   234 C CB  B PHE A 1 37 ? 1.892   0.001   -1.600  0.500 42.200  ? 200 PHE A CB  1 ? 
ATOM   235 C CG  A PHE A 1 37 ? 3.052   0.315   -2.403  0.500 43.190  ? 200 PHE A CG  1 ? 
ATOM   236 C CG  B PHE A 1 37 ? 1.510   -1.454  -1.691  0.500 52.680  ? 200 PHE A CG  1 ? 
ATOM   237 C CD1 A PHE A 1 37 ? 4.146   -0.164  -1.702  0.500 43.700  ? 200 PHE A CD1 1 ? 
ATOM   238 C CD1 B PHE A 1 37 ? 1.845   -2.352  -0.694  0.500 53.900  ? 200 PHE A CD1 1 ? 
ATOM   239 C CD2 A PHE A 1 37 ? 3.252   0.864   -3.661  0.500 43.700  ? 200 PHE A CD2 1 ? 
ATOM   240 C CD2 B PHE A 1 37 ? 0.824   -1.934  -2.804  0.500 56.910  ? 200 PHE A CD2 1 ? 
ATOM   241 C CE1 A PHE A 1 37 ? 5.421   -0.091  -2.234  0.500 49.460  ? 200 PHE A CE1 1 ? 
ATOM   242 C CE1 B PHE A 1 37 ? 1.489   -3.687  -0.810  0.500 54.220  ? 200 PHE A CE1 1 ? 
ATOM   243 C CE2 A PHE A 1 37 ? 4.523   0.914   -4.204  0.500 51.840  ? 200 PHE A CE2 1 ? 
ATOM   244 C CE2 B PHE A 1 37 ? 0.473   -3.273  -2.916  0.500 55.690  ? 200 PHE A CE2 1 ? 
ATOM   245 C CZ  A PHE A 1 37 ? 5.605   0.453   -3.483  0.500 49.070  ? 200 PHE A CZ  1 ? 
ATOM   246 C CZ  B PHE A 1 37 ? 0.818   -4.143  -1.914  0.500 46.300  ? 200 PHE A CZ  1 ? 
ATOM   247 N N   A SER A 1 38 ? 1.017   3.193   -1.071  0.600 39.010  ? 201 SER A N   1 ? 
ATOM   248 N N   B SER A 1 38 ? 1.044   2.925   -0.815  0.400 42.650  ? 201 SER A N   1 ? 
ATOM   249 C CA  A SER A 1 38 ? 1.119   4.639   -1.177  0.600 37.160  ? 201 SER A CA  1 ? 
ATOM   250 C CA  B SER A 1 38 ? 1.130   4.342   -1.142  0.400 39.120  ? 201 SER A CA  1 ? 
ATOM   251 C C   A SER A 1 38 ? 1.467   5.202   0.186   0.600 35.810  ? 201 SER A C   1 ? 
ATOM   252 C C   B SER A 1 38 ? 1.433   5.117   0.131   0.400 37.040  ? 201 SER A C   1 ? 
ATOM   253 O O   A SER A 1 38 ? 2.351   6.051   0.289   0.600 36.680  ? 201 SER A O   1 ? 
ATOM   254 O O   B SER A 1 38 ? 2.256   6.029   0.115   0.400 37.050  ? 201 SER A O   1 ? 
ATOM   255 C CB  A SER A 1 38 ? -0.167  5.279   -1.677  0.600 36.480  ? 201 SER A CB  1 ? 
ATOM   256 C CB  B SER A 1 38 ? -0.149  4.861   -1.800  0.400 39.450  ? 201 SER A CB  1 ? 
ATOM   257 O OG  A SER A 1 38 ? -0.056  6.685   -1.520  0.600 38.830  ? 201 SER A OG  1 ? 
ATOM   258 O OG  B SER A 1 38 ? -0.150  4.625   -3.197  0.400 39.600  ? 201 SER A OG  1 ? 
ATOM   259 N N   . ARG A 1 39 ? 0.757   4.718   1.221   1.000 38.380  ? 202 ARG A N   1 ? 
ATOM   260 C CA  . ARG A 1 39 ? 0.930   5.249   2.575   1.000 39.900  ? 202 ARG A CA  1 ? 
ATOM   261 C C   . ARG A 1 39 ? 2.320   4.896   3.131   1.000 45.850  ? 202 ARG A C   1 ? 
ATOM   262 O O   . ARG A 1 39 ? 2.919   5.688   3.868   1.000 40.840  ? 202 ARG A O   1 ? 
ATOM   263 C CB  . ARG A 1 39 ? -0.071  4.624   3.563   1.000 46.950  ? 202 ARG A CB  1 ? 
ATOM   264 C CG  . ARG A 1 39 ? -1.310  5.447   3.881   1.000 56.140  ? 202 ARG A CG  1 ? 
ATOM   265 C CD  . ARG A 1 39 ? -2.276  4.626   4.748   1.000 64.380  ? 202 ARG A CD  1 ? 
ATOM   266 N NE  . ARG A 1 39 ? -3.373  4.027   3.983   1.000 87.890  ? 202 ARG A NE  1 ? 
ATOM   267 C CZ  . ARG A 1 39 ? -3.700  2.733   3.935   1.000 80.140  ? 202 ARG A CZ  1 ? 
ATOM   268 N NH1 . ARG A 1 39 ? -3.030  1.825   4.628   1.000 86.610  ? 202 ARG A NH1 1 ? 
ATOM   269 N NH2 . ARG A 1 39 ? -4.715  2.355   3.181   1.000 89.290  ? 202 ARG A NH2 1 ? 
ATOM   270 N N   . LEU A 1 40 ? 2.805   3.688   2.799   1.000 38.620  ? 203 LEU A N   1 ? 
ATOM   271 C CA  . LEU A 1 40 ? 4.144   3.290   3.217   1.000 39.420  ? 203 LEU A CA  1 ? 
ATOM   272 C C   . LEU A 1 40 ? 5.159   4.191   2.527   1.000 31.720  ? 203 LEU A C   1 ? 
ATOM   273 O O   . LEU A 1 40 ? 6.086   4.624   3.182   1.000 36.340  ? 203 LEU A O   1 ? 
ATOM   274 C CB  . LEU A 1 40 ? 4.408   1.815   2.868   1.000 40.840  ? 203 LEU A CB  1 ? 
ATOM   275 C CG  . LEU A 1 40 ? 5.857   1.320   3.005   1.000 47.820  ? 203 LEU A CG  1 ? 
ATOM   276 C CD1 . LEU A 1 40 ? 6.340   1.408   4.459   1.000 42.620  ? 203 LEU A CD1 1 ? 
ATOM   277 C CD2 . LEU A 1 40 ? 6.003   -0.109  2.470   1.000 47.750  ? 203 LEU A CD2 1 ? 
ATOM   278 N N   . GLU A 1 41 ? 5.012   4.423   1.217   1.000 36.790  ? 204 GLU A N   1 ? 
ATOM   279 C CA  . GLU A 1 41 ? 5.947   5.233   0.463   1.000 41.160  ? 204 GLU A CA  1 ? 
ATOM   280 C C   . GLU A 1 41 ? 6.012   6.642   1.039   1.000 48.310  ? 204 GLU A C   1 ? 
ATOM   281 O O   . GLU A 1 41 ? 7.094   7.271   1.022   1.000 39.400  ? 204 GLU A O   1 ? 
ATOM   282 C CB  . GLU A 1 41 ? 5.523   5.319   -0.997  1.000 43.710  ? 204 GLU A CB  1 ? 
ATOM   283 C CG  . GLU A 1 41 ? 5.811   4.029   -1.714  1.000 47.590  ? 204 GLU A CG  1 ? 
ATOM   284 C CD  . GLU A 1 41 ? 5.160   3.888   -3.071  1.000 44.810  ? 204 GLU A CD  1 ? 
ATOM   285 O OE1 . GLU A 1 41 ? 3.915   3.981   -3.136  1.000 55.260  ? 204 GLU A OE1 1 ? 
ATOM   286 O OE2 . GLU A 1 41 ? 5.898   3.692   -4.052  1.000 53.680  ? 204 GLU A OE2 1 ? 
ATOM   287 N N   . ASP A 1 42 ? 4.844   7.138   1.501   1.000 44.650  ? 205 ASP A N   1 ? 
ATOM   288 C CA  . ASP A 1 42 ? 4.756   8.433   2.182   1.000 40.090  ? 205 ASP A CA  1 ? 
ATOM   289 C C   . ASP A 1 42 ? 5.616   8.436   3.449   1.000 43.290  ? 205 ASP A C   1 ? 
ATOM   290 O O   . ASP A 1 42 ? 6.396   9.371   3.667   1.000 37.660  ? 205 ASP A O   1 ? 
ATOM   291 C CB  . ASP A 1 42 ? 3.325   8.862   2.544   1.000 40.570  ? 205 ASP A CB  1 ? 
ATOM   292 C CG  . ASP A 1 42 ? 2.357   9.121   1.381   1.000 44.040  ? 205 ASP A CG  1 ? 
ATOM   293 O OD1 . ASP A 1 42 ? 2.808   9.332   0.227   1.000 38.830  ? 205 ASP A OD1 1 ? 
ATOM   294 O OD2 . ASP A 1 42 ? 1.129   9.058   1.641   1.000 53.640  ? 205 ASP A OD2 1 ? 
ATOM   295 N N   . GLU A 1 43 ? 5.438   7.425   4.311   1.000 34.490  ? 206 GLU A N   1 ? 
ATOM   296 C CA  . GLU A 1 43 ? 6.236   7.321   5.526   1.000 43.560  ? 206 GLU A CA  1 ? 
ATOM   297 C C   . GLU A 1 43 ? 7.728   7.185   5.214   1.000 41.540  ? 206 GLU A C   1 ? 
ATOM   298 O O   . GLU A 1 43 ? 8.537   7.695   5.981   1.000 40.310  ? 206 GLU A O   1 ? 
ATOM   299 C CB  . GLU A 1 43 ? 5.795   6.132   6.368   1.000 46.660  ? 206 GLU A CB  1 ? 
ATOM   300 C CG  . GLU A 1 43 ? 4.368   6.298   6.850   1.000 62.740  ? 206 GLU A CG  1 ? 
ATOM   301 C CD  . GLU A 1 43 ? 3.799   5.157   7.683   1.000 76.150  ? 206 GLU A CD  1 ? 
ATOM   302 O OE1 . GLU A 1 43 ? 2.999   5.442   8.572   1.000 77.380  ? 206 GLU A OE1 1 ? 
ATOM   303 O OE2 . GLU A 1 43 ? 4.134   3.979   7.425   1.000 82.630  ? 206 GLU A OE2 1 ? 
ATOM   304 N N   . GLU A 1 44 ? 8.072   6.508   4.105   1.000 39.350  ? 207 GLU A N   1 ? 
ATOM   305 C CA  A GLU A 1 44 ? 9.474   6.251   3.806   0.500 41.790  ? 207 GLU A CA  1 ? 
ATOM   306 C CA  B GLU A 1 44 ? 9.450   6.239   3.694   0.500 38.770  ? 207 GLU A CA  1 ? 
ATOM   307 C C   . GLU A 1 44 ? 10.142  7.561   3.388   1.000 41.150  ? 207 GLU A C   1 ? 
ATOM   308 O O   . GLU A 1 44 ? 11.268  7.828   3.793   1.000 40.800  ? 207 GLU A O   1 ? 
ATOM   309 C CB  A GLU A 1 44 ? 9.655   5.085   2.823   0.500 40.490  ? 207 GLU A CB  1 ? 
ATOM   310 C CB  B GLU A 1 44 ? 9.496   5.367   2.428   0.500 30.400  ? 207 GLU A CB  1 ? 
ATOM   311 C CG  A GLU A 1 44 ? 9.367   3.709   3.442   0.500 36.930  ? 207 GLU A CG  1 ? 
ATOM   312 C CG  B GLU A 1 44 ? 9.436   3.871   2.756   0.500 31.690  ? 207 GLU A CG  1 ? 
ATOM   313 C CD  A GLU A 1 44 ? 10.198  3.262   4.641   0.500 46.360  ? 207 GLU A CD  1 ? 
ATOM   314 C CD  B GLU A 1 44 ? 9.498   2.883   1.593   0.500 31.550  ? 207 GLU A CD  1 ? 
ATOM   315 O OE1 A GLU A 1 44 ? 9.721   2.365   5.392   0.500 52.750  ? 207 GLU A OE1 1 ? 
ATOM   316 O OE1 B GLU A 1 44 ? 9.730   3.290   0.446   0.500 27.330  ? 207 GLU A OE1 1 ? 
ATOM   317 O OE2 A GLU A 1 44 ? 11.321  3.792   4.835   0.500 46.320  ? 207 GLU A OE2 1 ? 
ATOM   318 O OE2 B GLU A 1 44 ? 9.302   1.687   1.834   0.500 35.090  ? 207 GLU A OE2 1 ? 
ATOM   319 N N   . MET A 1 45 ? 9.429   8.360   2.617   1.000 35.940  ? 208 MET A N   1 ? 
ATOM   320 C CA  . MET A 1 45 ? 9.914   9.650   2.202   1.000 42.870  ? 208 MET A CA  1 ? 
ATOM   321 C C   . MET A 1 45 ? 10.128  10.554  3.419   1.000 39.090  ? 208 MET A C   1 ? 
ATOM   322 O O   . MET A 1 45 ? 11.108  11.279  3.443   1.000 41.730  ? 208 MET A O   1 ? 
ATOM   323 C CB  . MET A 1 45 ? 8.928   10.300  1.241   1.000 41.600  ? 208 MET A CB  1 ? 
ATOM   324 C CG  . MET A 1 45 ? 8.967   9.678   -0.129  1.000 49.750  ? 208 MET A CG  1 ? 
ATOM   325 S SD  . MET A 1 45 ? 7.744   10.477  -1.235  1.000 63.520  ? 208 MET A SD  1 ? 
ATOM   326 C CE  . MET A 1 45 ? 8.291   12.193  -1.224  1.000 58.200  ? 208 MET A CE  1 ? 
ATOM   327 N N   . ARG A 1 46 ? 9.244   10.501  4.424   1.000 41.200  ? 209 ARG A N   1 ? 
ATOM   328 C CA  . ARG A 1 46 ? 9.450   11.284  5.646   1.000 44.560  ? 209 ARG A CA  1 ? 
ATOM   329 C C   . ARG A 1 46 ? 10.679  10.802  6.414   1.000 49.000  ? 209 ARG A C   1 ? 
ATOM   330 O O   . ARG A 1 46 ? 11.384  11.614  7.024   1.000 40.550  ? 209 ARG A O   1 ? 
ATOM   331 C CB  . ARG A 1 46 ? 8.256   11.221  6.597   1.000 42.530  ? 209 ARG A CB  1 ? 
ATOM   332 C CG  . ARG A 1 46 ? 7.064   12.019  6.117   1.000 49.000  ? 209 ARG A CG  1 ? 
ATOM   333 C CD  . ARG A 1 46 ? 5.967   11.746  7.118   1.000 56.720  ? 209 ARG A CD  1 ? 
ATOM   334 N NE  . ARG A 1 46 ? 4.704   11.800  6.402   1.000 59.560  ? 209 ARG A NE  1 ? 
ATOM   335 C CZ  . ARG A 1 46 ? 3.809   10.817  6.321   1.000 65.290  ? 209 ARG A CZ  1 ? 
ATOM   336 N NH1 . ARG A 1 46 ? 2.701   11.001  5.627   1.000 74.180  ? 209 ARG A NH1 1 ? 
ATOM   337 N NH2 . ARG A 1 46 ? 4.020   9.653   6.911   1.000 66.960  ? 209 ARG A NH2 1 ? 
ATOM   338 N N   . LEU A 1 47 ? 10.863  9.472   6.428   1.000 44.190  ? 210 LEU A N   1 ? 
ATOM   339 C CA  . LEU A 1 47 ? 12.005  8.836   7.047   1.000 42.690  ? 210 LEU A CA  1 ? 
ATOM   340 C C   . LEU A 1 47 ? 13.284  9.316   6.387   1.000 38.330  ? 210 LEU A C   1 ? 
ATOM   341 O O   . LEU A 1 47 ? 14.200  9.691   7.117   1.000 39.060  ? 210 LEU A O   1 ? 
ATOM   342 C CB  . LEU A 1 47 ? 11.947  7.309   6.964   1.000 43.660  ? 210 LEU A CB  1 ? 
ATOM   343 C CG  . LEU A 1 47 ? 12.952  6.625   7.908   1.000 47.880  ? 210 LEU A CG  1 ? 
ATOM   344 C CD1 . LEU A 1 47 ? 12.415  5.291   8.454   1.000 54.510  ? 210 LEU A CD1 1 ? 
ATOM   345 C CD2 . LEU A 1 47 ? 14.321  6.464   7.263   1.000 40.710  ? 210 LEU A CD2 1 ? 
ATOM   346 N N   . GLU A 1 48 ? 13.351  9.279   5.041   1.000 33.450  ? 211 GLU A N   1 ? 
ATOM   347 C CA  . GLU A 1 48 ? 14.532  9.741   4.335   1.000 36.560  ? 211 GLU A CA  1 ? 
ATOM   348 C C   . GLU A 1 48 ? 14.846  11.202  4.658   1.000 36.900  ? 211 GLU A C   1 ? 
ATOM   349 O O   . GLU A 1 48 ? 16.014  11.556  4.711   1.000 35.850  ? 211 GLU A O   1 ? 
ATOM   350 C CB  . GLU A 1 48 ? 14.382  9.649   2.803   1.000 38.890  ? 211 GLU A CB  1 ? 
ATOM   351 C CG  . GLU A 1 48 ? 14.108  8.235   2.329   1.000 44.980  ? 211 GLU A CG  1 ? 
ATOM   352 C CD  . GLU A 1 48 ? 13.704  8.096   0.877   1.000 51.600  ? 211 GLU A CD  1 ? 
ATOM   353 O OE1 . GLU A 1 48 ? 13.640  9.176   0.187   1.000 44.210  ? 211 GLU A OE1 1 ? 
ATOM   354 O OE2 . GLU A 1 48 ? 13.424  6.912   0.427   1.000 42.850  ? 211 GLU A OE2 1 ? 
ATOM   355 N N   . LYS A 1 49 ? 13.811  12.051  4.800   1.000 38.310  ? 212 LYS A N   1 ? 
ATOM   356 C CA  . LYS A 1 49 ? 14.002  13.480  5.038   1.000 41.350  ? 212 LYS A CA  1 ? 
ATOM   357 C C   . LYS A 1 49 ? 14.618  13.701  6.417   1.000 38.180  ? 212 LYS A C   1 ? 
ATOM   358 O O   . LYS A 1 49 ? 15.620  14.408  6.533   1.000 40.550  ? 212 LYS A O   1 ? 
ATOM   359 C CB  . LYS A 1 49 ? 12.702  14.273  4.823   1.000 42.540  ? 212 LYS A CB  1 ? 
ATOM   360 C CG  . LYS A 1 49 ? 12.752  15.787  5.098   1.000 43.460  ? 212 LYS A CG  1 ? 
ATOM   361 C CD  . LYS A 1 49 ? 13.799  16.529  4.258   1.000 43.930  ? 212 LYS A CD  1 ? 
ATOM   362 C CE  . LYS A 1 49 ? 13.759  18.059  4.294   1.000 47.310  ? 212 LYS A CE  1 ? 
ATOM   363 N NZ  . LYS A 1 49 ? 15.131  18.628  4.144   1.000 46.730  ? 212 LYS A NZ  1 ? 
ATOM   364 N N   . ARG A 1 50 ? 14.000  13.119  7.453   1.000 40.170  ? 213 ARG A N   1 ? 
ATOM   365 C CA  . ARG A 1 50 ? 14.522  13.231  8.807   1.000 46.420  ? 213 ARG A CA  1 ? 
ATOM   366 C C   . ARG A 1 50 ? 15.983  12.772  8.889   1.000 42.870  ? 213 ARG A C   1 ? 
ATOM   367 O O   . ARG A 1 50 ? 16.791  13.451  9.532   1.000 43.410  ? 213 ARG A O   1 ? 
ATOM   368 C CB  . ARG A 1 50 ? 13.606  12.501  9.797   1.000 48.990  ? 213 ARG A CB  1 ? 
ATOM   369 C CG  . ARG A 1 50 ? 12.208  13.105  9.839   1.000 52.220  ? 213 ARG A CG  1 ? 
ATOM   370 C CD  . ARG A 1 50 ? 11.324  12.858  11.034  1.000 61.970  ? 213 ARG A CD  1 ? 
ATOM   371 N NE  . ARG A 1 50 ? 10.633  11.599  10.853  1.000 77.420  ? 213 ARG A NE  1 ? 
ATOM   372 C CZ  . ARG A 1 50 ? 9.342   11.432  10.544  1.000 81.610  ? 213 ARG A CZ  1 ? 
ATOM   373 N NH1 . ARG A 1 50 ? 8.885   10.203  10.420  1.000 66.630  ? 213 ARG A NH1 1 ? 
ATOM   374 N NH2 . ARG A 1 50 ? 8.515   12.458  10.383  1.000 81.970  ? 213 ARG A NH2 1 ? 
ATOM   375 N N   . LEU A 1 51 ? 16.310  11.616  8.264   1.000 36.570  ? 214 LEU A N   1 ? 
ATOM   376 C CA  . LEU A 1 51 ? 17.643  11.020  8.381   1.000 36.850  ? 214 LEU A CA  1 ? 
ATOM   377 C C   . LEU A 1 51 ? 18.654  11.936  7.676   1.000 42.770  ? 214 LEU A C   1 ? 
ATOM   378 O O   . LEU A 1 51 ? 19.728  12.256  8.210   1.000 35.100  ? 214 LEU A O   1 ? 
ATOM   379 C CB  . LEU A 1 51 ? 17.674  9.603   7.791   1.000 35.620  ? 214 LEU A CB  1 ? 
ATOM   380 C CG  . LEU A 1 51 ? 19.065  8.947   7.776   1.000 38.930  ? 214 LEU A CG  1 ? 
ATOM   381 C CD1 . LEU A 1 51 ? 19.755  8.962   9.172   1.000 39.720  ? 214 LEU A CD1 1 ? 
ATOM   382 C CD2 . LEU A 1 51 ? 19.006  7.524   7.242   1.000 34.630  ? 214 LEU A CD2 1 ? 
ATOM   383 N N   . LEU A 1 52 ? 18.281  12.401  6.474   1.000 35.260  ? 215 LEU A N   1 ? 
ATOM   384 C CA  . LEU A 1 52 ? 19.183  13.263  5.710   1.000 37.660  ? 215 LEU A CA  1 ? 
ATOM   385 C C   . LEU A 1 52 ? 19.484  14.541  6.507   1.000 37.670  ? 215 LEU A C   1 ? 
ATOM   386 O O   . LEU A 1 52 ? 20.657  14.913  6.630   1.000 38.020  ? 215 LEU A O   1 ? 
ATOM   387 C CB  . LEU A 1 52 ? 18.616  13.521  4.298   1.000 41.410  ? 215 LEU A CB  1 ? 
ATOM   388 C CG  . LEU A 1 52 ? 19.435  14.532  3.488   1.000 51.820  ? 215 LEU A CG  1 ? 
ATOM   389 C CD1 . LEU A 1 52 ? 20.737  13.925  2.980   1.000 46.660  ? 215 LEU A CD1 1 ? 
ATOM   390 C CD2 . LEU A 1 52 ? 18.611  15.119  2.347   1.000 55.500  ? 215 LEU A CD2 1 ? 
ATOM   391 N N   . ASP A 1 53 ? 18.442  15.118  7.134   1.000 33.970  ? 216 ASP A N   1 ? 
ATOM   392 C CA  . ASP A 1 53 ? 18.573  16.328  7.913   1.000 43.590  ? 216 ASP A CA  1 ? 
ATOM   393 C C   . ASP A 1 53 ? 19.428  16.081  9.144   1.000 44.640  ? 216 ASP A C   1 ? 
ATOM   394 O O   . ASP A 1 53 ? 20.286  16.909  9.444   1.000 42.960  ? 216 ASP A O   1 ? 
ATOM   395 C CB  . ASP A 1 53 ? 17.215  16.874  8.335   1.000 41.080  ? 216 ASP A CB  1 ? 
ATOM   396 C CG  . ASP A 1 53 ? 16.547  17.517  7.146   1.000 43.770  ? 216 ASP A CG  1 ? 
ATOM   397 O OD1 . ASP A 1 53 ? 17.216  17.672  6.100   1.000 48.010  ? 216 ASP A OD1 1 ? 
ATOM   398 O OD2 . ASP A 1 53 ? 15.381  17.805  7.265   1.000 46.040  ? 216 ASP A OD2 1 ? 
ATOM   399 N N   A ASN A 1 54 ? 19.192  14.947  9.831   0.500 44.450  ? 217 ASN A N   1 ? 
ATOM   400 N N   B ASN A 1 54 ? 19.188  14.966  9.840   0.500 42.130  ? 217 ASN A N   1 ? 
ATOM   401 C CA  A ASN A 1 54 ? 19.931  14.546  11.027  0.500 45.480  ? 217 ASN A CA  1 ? 
ATOM   402 C CA  B ASN A 1 54 ? 19.994  14.660  11.011  0.500 42.260  ? 217 ASN A CA  1 ? 
ATOM   403 C C   A ASN A 1 54 ? 21.420  14.340  10.707  0.500 44.470  ? 217 ASN A C   1 ? 
ATOM   404 C C   B ASN A 1 54 ? 21.465  14.532  10.608  0.500 42.670  ? 217 ASN A C   1 ? 
ATOM   405 O O   A ASN A 1 54 ? 22.294  14.677  11.503  0.500 45.600  ? 217 ASN A O   1 ? 
ATOM   406 O O   B ASN A 1 54 ? 22.346  15.122  11.239  0.500 43.580  ? 217 ASN A O   1 ? 
ATOM   407 C CB  A ASN A 1 54 ? 19.297  13.337  11.732  0.500 50.360  ? 217 ASN A CB  1 ? 
ATOM   408 C CB  B ASN A 1 54 ? 19.488  13.432  11.758  0.500 42.470  ? 217 ASN A CB  1 ? 
ATOM   409 C CG  A ASN A 1 54 ? 18.083  13.669  12.579  0.500 51.780  ? 217 ASN A CG  1 ? 
ATOM   410 C CG  B ASN A 1 54 ? 19.791  13.531  13.234  0.500 39.970  ? 217 ASN A CG  1 ? 
ATOM   411 O OD1 A ASN A 1 54 ? 17.725  14.831  12.732  0.500 63.990  ? 217 ASN A OD1 1 ? 
ATOM   412 O OD1 B ASN A 1 54 ? 20.734  14.226  13.651  0.500 41.460  ? 217 ASN A OD1 1 ? 
ATOM   413 N ND2 A ASN A 1 54 ? 17.428  12.657  13.131  0.500 48.960  ? 217 ASN A ND2 1 ? 
ATOM   414 N ND2 B ASN A 1 54 ? 18.956  12.890  14.020  0.500 36.190  ? 217 ASN A ND2 1 ? 
ATOM   415 N N   . ILE A 1 55 ? 21.724  13.793  9.528   1.000 39.160  ? 218 ILE A N   1 ? 
ATOM   416 C CA  . ILE A 1 55 ? 23.094  13.569  9.101   1.000 42.370  ? 218 ILE A CA  1 ? 
ATOM   417 C C   . ILE A 1 55 ? 23.745  14.905  8.739   1.000 47.820  ? 218 ILE A C   1 ? 
ATOM   418 O O   . ILE A 1 55 ? 24.916  15.090  9.036   1.000 48.760  ? 218 ILE A O   1 ? 
ATOM   419 C CB  . ILE A 1 55 ? 23.216  12.553  7.950   1.000 41.950  ? 218 ILE A CB  1 ? 
ATOM   420 C CG1 . ILE A 1 55 ? 22.931  11.114  8.391   1.000 43.170  ? 218 ILE A CG1 1 ? 
ATOM   421 C CG2 . ILE A 1 55 ? 24.594  12.676  7.310   1.000 49.410  ? 218 ILE A CG2 1 ? 
ATOM   422 C CD1 . ILE A 1 55 ? 22.450  10.263  7.247   1.000 44.410  ? 218 ILE A CD1 1 ? 
ATOM   423 N N   . ALA A 1 56 ? 22.993  15.815  8.095   1.000 57.360  ? 219 ALA A N   1 ? 
ATOM   424 C CA  . ALA A 1 56 ? 23.525  17.093  7.642   1.000 61.250  ? 219 ALA A CA  1 ? 
ATOM   425 C C   . ALA A 1 56 ? 23.896  17.940  8.853   1.000 59.980  ? 219 ALA A C   1 ? 
ATOM   426 O O   . ALA A 1 56 ? 24.841  18.726  8.801   1.000 64.130  ? 219 ALA A O   1 ? 
ATOM   427 C CB  . ALA A 1 56 ? 22.539  17.824  6.766   1.000 52.150  ? 219 ALA A CB  1 ? 
ATOM   428 N N   . ALA A 1 57 ? 23.154  17.740  9.942   1.000 56.880  ? 220 ALA A N   1 ? 
ATOM   429 C CA  . ALA A 1 57 ? 23.338  18.541  11.140  1.000 56.430  ? 220 ALA A CA  1 ? 
ATOM   430 C C   . ALA A 1 57 ? 24.586  18.101  11.922  1.000 57.080  ? 220 ALA A C   1 ? 
ATOM   431 O O   . ALA A 1 57 ? 25.097  18.859  12.726  1.000 58.500  ? 220 ALA A O   1 ? 
ATOM   432 C CB  . ALA A 1 57 ? 22.073  18.560  11.950  1.000 50.830  ? 220 ALA A CB  1 ? 
ATOM   433 N N   A LEU A 1 58 ? 25.105  16.899  11.641  0.500 60.150  ? 221 LEU A N   1 ? 
ATOM   434 N N   B LEU A 1 58 ? 25.091  16.888  11.650  0.500 59.100  ? 221 LEU A N   1 ? 
ATOM   435 C CA  A LEU A 1 58 ? 26.257  16.331  12.335  0.500 67.980  ? 221 LEU A CA  1 ? 
ATOM   436 C CA  B LEU A 1 58 ? 26.264  16.366  12.343  0.500 66.540  ? 221 LEU A CA  1 ? 
ATOM   437 C C   A LEU A 1 58 ? 27.548  16.604  11.549  0.500 79.070  ? 221 LEU A C   1 ? 
ATOM   438 C C   B LEU A 1 58 ? 27.543  16.640  11.542  0.500 77.480  ? 221 LEU A C   1 ? 
ATOM   439 O O   A LEU A 1 58 ? 27.605  16.318  10.356  0.500 83.980  ? 221 LEU A O   1 ? 
ATOM   440 O O   B LEU A 1 58 ? 27.596  16.351  10.349  0.500 82.030  ? 221 LEU A O   1 ? 
ATOM   441 C CB  A LEU A 1 58 ? 25.960  14.830  12.440  0.500 69.070  ? 221 LEU A CB  1 ? 
ATOM   442 C CB  B LEU A 1 58 ? 26.096  14.855  12.547  0.500 65.870  ? 221 LEU A CB  1 ? 
ATOM   443 C CG  A LEU A 1 58 ? 27.098  13.877  12.775  0.500 63.400  ? 221 LEU A CG  1 ? 
ATOM   444 C CG  B LEU A 1 58 ? 24.971  14.377  13.472  0.500 63.370  ? 221 LEU A CG  1 ? 
ATOM   445 C CD1 A LEU A 1 58 ? 27.250  13.820  14.282  0.500 73.130  ? 221 LEU A CD1 1 ? 
ATOM   446 C CD1 B LEU A 1 58 ? 25.325  13.015  14.049  0.500 63.780  ? 221 LEU A CD1 1 ? 
ATOM   447 C CD2 A LEU A 1 58 ? 26.768  12.489  12.231  0.500 62.140  ? 221 LEU A CD2 1 ? 
ATOM   448 C CD2 B LEU A 1 58 ? 24.658  15.345  14.599  0.500 58.670  ? 221 LEU A CD2 1 ? 
ATOM   449 N N   . GLU A 1 59 ? 28.613  17.075  12.222  1.000 89.340  ? 222 GLU A N   1 ? 
ATOM   450 C CA  . GLU A 1 59 ? 29.885  17.392  11.561  1.000 93.850  ? 222 GLU A CA  1 ? 
ATOM   451 C C   . GLU A 1 59 ? 31.070  17.289  12.528  1.000 84.070  ? 222 GLU A C   1 ? 
ATOM   452 O O   . GLU A 1 59 ? 31.651  16.205  12.594  1.000 73.230  ? 222 GLU A O   1 ? 
ATOM   453 C CB  . GLU A 1 59 ? 29.888  18.796  10.948  1.000 90.850  ? 222 GLU A CB  1 ? 
ATOM   454 C CG  . GLU A 1 59 ? 29.640  18.770  9.453   1.000 104.630 ? 222 GLU A CG  1 ? 
ATOM   455 C CD  . GLU A 1 59 ? 28.846  19.953  8.935   1.000 111.320 ? 222 GLU A CD  1 ? 
ATOM   456 O OE1 . GLU A 1 59 ? 29.332  21.088  9.070   1.000 123.910 ? 222 GLU A OE1 1 ? 
ATOM   457 O OE2 . GLU A 1 59 ? 27.730  19.724  8.440   1.000 113.190 ? 222 GLU A OE2 1 ? 
HETATM 458 C C   . ACE B 2 .  ? -12.450 -18.865 -9.504  1.000 60.570  ? 301 ACE A C   1 ? 
HETATM 459 O O   . ACE B 2 .  ? -13.500 -19.457 -9.326  1.000 71.460  ? 301 ACE A O   1 ? 
HETATM 460 C CH3 . ACE B 2 .  ? -11.109 -19.423 -9.016  1.000 50.930  ? 301 ACE A CH3 1 ? 
HETATM 461 C C   B ACE C 2 .  ? 17.384  9.829   12.358  0.500 46.300  ? 302 ACE A C   1 ? 
HETATM 462 O O   B ACE C 2 .  ? 17.942  10.748  12.894  0.500 42.370  ? 302 ACE A O   1 ? 
HETATM 463 C CH3 B ACE C 2 .  ? 15.945  9.939   11.850  0.500 42.170  ? 302 ACE A CH3 1 ? 
HETATM 464 C C1  . IPA D 3 .  ? -1.853  -4.497  -5.416  1.000 66.500  ? 303 IPA A C1  1 ? 
HETATM 465 C C2  . IPA D 3 .  ? -1.931  -4.827  -6.902  1.000 68.730  ? 303 IPA A C2  1 ? 
HETATM 466 C C3  . IPA D 3 .  ? -2.916  -4.059  -7.711  1.000 48.780  ? 303 IPA A C3  1 ? 
HETATM 467 O O2  . IPA D 3 .  ? -2.093  -6.226  -7.160  1.000 62.250  ? 303 IPA A O2  1 ? 
HETATM 468 O O   . HOH E 4 .  ? -0.764  8.164   0.219   0.500 30.290  ? 401 HOH A O   1 ? 
HETATM 469 O O   . HOH E 4 .  ? 13.794  17.041  8.914   1.000 58.740  ? 402 HOH A O   1 ? 
HETATM 470 O O   . HOH E 4 .  ? -1.365  3.377   -7.337  1.000 59.430  ? 403 HOH A O   1 ? 
HETATM 471 O O   . HOH E 4 .  ? -8.366  -8.709  -9.652  1.000 57.580  ? 404 HOH A O   1 ? 
HETATM 472 O O   . HOH E 4 .  ? 13.443  5.591   -1.691  1.000 35.540  ? 405 HOH A O   1 ? 
HETATM 473 O O   B HOH E 4 .  ? -13.653 -2.619  -4.825  0.500 49.290  ? 406 HOH A O   1 ? 
HETATM 474 O O   . HOH E 4 .  ? -14.632 -5.307  -5.307  0.600 30.590  ? 407 HOH A O   1 ? 
HETATM 475 O O   . HOH E 4 .  ? -6.378  2.387   -3.742  1.000 40.240  ? 408 HOH A O   1 ? 
HETATM 476 O O   . HOH E 4 .  ? 0.890   10.386  -1.397  1.000 61.440  ? 409 HOH A O   1 ? 
HETATM 477 O O   . HOH E 4 .  ? 0.493   2.153   -4.678  1.000 53.580  ? 410 HOH A O   1 ? 
HETATM 478 O O   . HOH E 4 .  ? 26.177  21.661  9.826   1.000 74.610  ? 411 HOH A O   1 ? 
HETATM 479 O O   . HOH E 4 .  ? 20.075  19.714  8.909   1.000 48.380  ? 412 HOH A O   1 ? 
HETATM 480 O O   . HOH E 4 .  ? 5.529   8.450   9.029   1.000 67.290  ? 413 HOH A O   1 ? 
HETATM 481 O O   . HOH E 4 .  ? -14.416 -20.878 -11.651 1.000 85.670  ? 414 HOH A O   1 ? 
HETATM 482 O O   . HOH E 4 .  ? -17.234 -9.341  -10.838 1.000 63.760  ? 415 HOH A O   1 ? 
HETATM 483 O O   . HOH E 4 .  ? -3.302  5.925   0.855   1.000 53.440  ? 416 HOH A O   1 ? 
HETATM 484 O O   . HOH E 4 .  ? 0.259   9.272   4.553   1.000 59.920  ? 417 HOH A O   1 ? 
HETATM 485 O O   . HOH E 4 .  ? -5.229  -9.542  -4.463  0.500 31.590  ? 418 HOH A O   1 ? 
HETATM 486 O O   . HOH E 4 .  ? 19.604  19.668  5.964   1.000 60.570  ? 419 HOH A O   1 ? 
HETATM 487 O O   . HOH E 4 .  ? 14.425  13.262  13.826  0.500 54.480  ? 420 HOH A O   1 ? 
HETATM 488 O O   . HOH E 4 .  ? -6.631  -0.826  -7.508  1.000 50.060  ? 421 HOH A O   1 ? 
HETATM 489 O O   . HOH E 4 .  ? 1.424   7.604   6.069   0.500 39.870  ? 422 HOH A O   1 ? 
HETATM 490 O O   . HOH E 4 .  ? -5.217  2.881   -9.910  1.000 71.560  ? 423 HOH A O   1 ? 
HETATM 491 O O   . HOH E 4 .  ? 5.231   12.048  1.799   1.000 64.970  ? 424 HOH A O   1 ? 
HETATM 492 O O   . HOH E 4 .  ? 2.558   14.005  8.385   1.000 73.930  ? 425 HOH A O   1 ? 
HETATM 493 O O   . HOH E 4 .  ? -7.423  1.922   -5.807  1.000 60.130  ? 426 HOH A O   1 ? 
HETATM 494 O O   . HOH E 4 .  ? -5.982  4.042   -8.009  0.500 45.010  ? 427 HOH A O   1 ? 
HETATM 495 O O   . HOH E 4 .  ? 11.301  16.130  8.507   1.000 69.470  ? 428 HOH A O   1 ? 
HETATM 496 O O   . HOH E 4 .  ? 9.273   15.073  4.351   1.000 79.540  ? 429 HOH A O   1 ? 
HETATM 497 O O   . HOH E 4 .  ? -25.880 -8.942  -8.196  0.500 46.170  ? 430 HOH A O   1 ? 
# 
loop_
_pdbx_poly_seq_scheme.asym_id 
_pdbx_poly_seq_scheme.entity_id 
_pdbx_poly_seq_scheme.seq_id 
_pdbx_poly_seq_scheme.mon_id 
_pdbx_poly_seq_scheme.ndb_seq_num 
_pdbx_poly_seq_scheme.pdb_seq_num 
_pdbx_poly_seq_scheme.auth_seq_num 
_pdbx_poly_seq_scheme.pdb_mon_id 
_pdbx_poly_seq_scheme.auth_mon_id 
_pdbx_poly_seq_scheme.pdb_strand_id 
_pdbx_poly_seq_scheme.pdb_ins_code 
_pdbx_poly_seq_scheme.hetero 
A 1 1  GLY 1  164 ?   ?   ?   A . n 
A 1 2  PRO 2  165 ?   ?   ?   A . n 
A 1 3  GLY 3  166 ?   ?   ?   A . n 
A 1 4  GLY 4  167 ?   ?   ?   A . n 
A 1 5  VAL 5  168 ?   ?   ?   A . n 
A 1 6  THR 6  169 ?   ?   ?   A . n 
A 1 7  LEU 7  170 ?   ?   ?   A . n 
A 1 8  ARG 8  171 ?   ?   ?   A . n 
A 1 9  GLU 9  172 ?   ?   ?   A . n 
A 1 10 GLN 10 173 ?   ?   ?   A . n 
A 1 11 ALA 11 174 174 ALA ALA A . n 
A 1 12 GLU 12 175 175 GLU GLU A . n 
A 1 13 ALA 13 176 176 ALA ALA A . n 
A 1 14 GLN 14 177 177 GLN GLN A . n 
A 1 15 ARG 15 178 178 ARG ARG A . n 
A 1 16 SER 16 179 179 SER SER A . n 
A 1 17 GLN 17 180 180 GLN GLN A . n 
A 1 18 LEU 18 181 181 LEU LEU A . n 
A 1 19 THR 19 182 182 THR THR A . n 
A 1 20 SER 20 183 183 SER SER A . n 
A 1 21 GLU 21 184 184 GLU GLU A . n 
A 1 22 CYS 22 185 185 CYS CYS A . n 
A 1 23 GLU 23 186 186 GLU GLU A . n 
A 1 24 LYS 24 187 187 LYS LYS A . n 
A 1 25 LEU 25 188 188 LEU LEU A . n 
A 1 26 MET 26 189 189 MET MET A . n 
A 1 27 ARG 27 190 190 ARG ARG A . n 
A 1 28 PHE 28 191 191 PHE PHE A . n 
A 1 29 LEU 29 192 192 LEU LEU A . n 
A 1 30 ASP 30 193 193 ASP ASP A . n 
A 1 31 GLN 31 194 194 GLN GLN A . n 
A 1 32 GLU 32 195 195 GLU GLU A . n 
A 1 33 GLU 33 196 196 GLU GLU A . n 
A 1 34 ARG 34 197 197 ARG ARG A . n 
A 1 35 ALA 35 198 198 ALA ALA A . n 
A 1 36 ALA 36 199 199 ALA ALA A . n 
A 1 37 PHE 37 200 200 PHE PHE A . n 
A 1 38 SER 38 201 201 SER SER A . n 
A 1 39 ARG 39 202 202 ARG ARG A . n 
A 1 40 LEU 40 203 203 LEU LEU A . n 
A 1 41 GLU 41 204 204 GLU GLU A . n 
A 1 42 ASP 42 205 205 ASP ASP A . n 
A 1 43 GLU 43 206 206 GLU GLU A . n 
A 1 44 GLU 44 207 207 GLU GLU A . n 
A 1 45 MET 45 208 208 MET MET A . n 
A 1 46 ARG 46 209 209 ARG ARG A . n 
A 1 47 LEU 47 210 210 LEU LEU A . n 
A 1 48 GLU 48 211 211 GLU GLU A . n 
A 1 49 LYS 49 212 212 LYS LYS A . n 
A 1 50 ARG 50 213 213 ARG ARG A . n 
A 1 51 LEU 51 214 214 LEU LEU A . n 
A 1 52 LEU 52 215 215 LEU LEU A . n 
A 1 53 ASP 53 216 216 ASP ASP A . n 
A 1 54 ASN 54 217 217 ASN ASN A . n 
A 1 55 ILE 55 218 218 ILE ILE A . n 
A 1 56 ALA 56 219 219 ALA ALA A . n 
A 1 57 ALA 57 220 220 ALA ALA A . n 
A 1 58 LEU 58 221 221 LEU LEU A . n 
A 1 59 GLU 59 222 222 GLU GLU A . n 
# 
_pdbx_contact_author.id                 2 
_pdbx_contact_author.email              xcli@houstonmethodist.org 
_pdbx_contact_author.name_first         Xianchang 
_pdbx_contact_author.name_last          Li 
_pdbx_contact_author.name_mi            ? 
_pdbx_contact_author.role               'principal investigator/group leader' 
_pdbx_contact_author.identifier_ORCID   0000-0002-5981-2762 
# 
loop_
_pdbx_nonpoly_scheme.asym_id 
_pdbx_nonpoly_scheme.entity_id 
_pdbx_nonpoly_scheme.mon_id 
_pdbx_nonpoly_scheme.ndb_seq_num 
_pdbx_nonpoly_scheme.pdb_seq_num 
_pdbx_nonpoly_scheme.auth_seq_num 
_pdbx_nonpoly_scheme.pdb_mon_id 
_pdbx_nonpoly_scheme.auth_mon_id 
_pdbx_nonpoly_scheme.pdb_strand_id 
_pdbx_nonpoly_scheme.pdb_ins_code 
B 2 ACE 1  301 303 ACE ACE A . 
C 2 ACE 1  302 304 ACE ACE A . 
D 3 IPA 1  303 401 IPA IPA A . 
E 4 HOH 1  401 529 HOH HOH A . 
E 4 HOH 2  402 501 HOH HOH A . 
E 4 HOH 3  403 510 HOH HOH A . 
E 4 HOH 4  404 520 HOH HOH A . 
E 4 HOH 5  405 523 HOH HOH A . 
E 4 HOH 6  406 517 HOH HOH A . 
E 4 HOH 7  407 513 HOH HOH A . 
E 4 HOH 8  408 504 HOH HOH A . 
E 4 HOH 9  409 516 HOH HOH A . 
E 4 HOH 10 410 502 HOH HOH A . 
E 4 HOH 11 411 515 HOH HOH A . 
E 4 HOH 12 412 503 HOH HOH A . 
E 4 HOH 13 413 519 HOH HOH A . 
E 4 HOH 14 414 522 HOH HOH A . 
E 4 HOH 15 415 511 HOH HOH A . 
E 4 HOH 16 416 512 HOH HOH A . 
E 4 HOH 17 417 509 HOH HOH A . 
E 4 HOH 18 418 526 HOH HOH A . 
E 4 HOH 19 419 508 HOH HOH A . 
E 4 HOH 20 420 518 HOH HOH A . 
E 4 HOH 21 421 507 HOH HOH A . 
E 4 HOH 22 422 524 HOH HOH A . 
E 4 HOH 23 423 505 HOH HOH A . 
E 4 HOH 24 424 506 HOH HOH A . 
E 4 HOH 25 425 514 HOH HOH A . 
E 4 HOH 26 426 527 HOH HOH A . 
E 4 HOH 27 427 528 HOH HOH A . 
E 4 HOH 28 428 521 HOH HOH A . 
E 4 HOH 29 429 525 HOH HOH A . 
E 4 HOH 30 430 530 HOH HOH A . 
# 
_pdbx_struct_assembly.id                   1 
_pdbx_struct_assembly.details              author_and_software_defined_assembly 
_pdbx_struct_assembly.method_details       PISA 
_pdbx_struct_assembly.oligomeric_details   tetrameric 
_pdbx_struct_assembly.oligomeric_count     4 
# 
_pdbx_struct_assembly_gen.assembly_id       1 
_pdbx_struct_assembly_gen.oper_expression   1,2,3,4 
_pdbx_struct_assembly_gen.asym_id_list      A,B,C,D,E 
# 
loop_
_pdbx_struct_assembly_prop.biol_id 
_pdbx_struct_assembly_prop.type 
_pdbx_struct_assembly_prop.value 
_pdbx_struct_assembly_prop.details 
1 'ABSA (A^2)' 9800  ? 
1 MORE         -40   ? 
1 'SSA (A^2)'  11370 ? 
# 
loop_
_pdbx_struct_oper_list.id 
_pdbx_struct_oper_list.type 
_pdbx_struct_oper_list.name 
_pdbx_struct_oper_list.symmetry_operation 
_pdbx_struct_oper_list.matrix[1][1] 
_pdbx_struct_oper_list.matrix[1][2] 
_pdbx_struct_oper_list.matrix[1][3] 
_pdbx_struct_oper_list.vector[1] 
_pdbx_struct_oper_list.matrix[2][1] 
_pdbx_struct_oper_list.matrix[2][2] 
_pdbx_struct_oper_list.matrix[2][3] 
_pdbx_struct_oper_list.vector[2] 
_pdbx_struct_oper_list.matrix[3][1] 
_pdbx_struct_oper_list.matrix[3][2] 
_pdbx_struct_oper_list.matrix[3][3] 
_pdbx_struct_oper_list.vector[3] 
1 'identity operation'         1_555  x,y,z          1.0000000000  0.0000000000  0.0000000000  0.0000000000 0.0000000000  1.0000000000  0.0000000000  0.0000000000  0.0000000000  0.0000000000  1.0000000000  0.0000000000  
2 'crystal symmetry operation' 8_666  -y+1,-x+1,-z+1 -0.3010980745 -0.9012801819 0.3115027822  6.6038967331 -0.9012801819 0.1622603066  -0.4017034063 1.9494039956  0.3115027822  -0.4017034063 -0.8611622321 -9.1765374774 
3 'crystal symmetry operation' 10_665 -x+1,-y+1,z    0.1956589471  0.9720431981  0.1298059994  7.0551674860 0.9720431981  -0.2097512579 0.1055292892  -7.6732047157 0.1298059994  0.1055292892  -0.9859076892 -7.5257513588 
4 'crystal symmetry operation' 15_556 y,x,-z+1       -0.8945608726 -0.0707630162 -0.4413087816 9.0510142434 -0.0707630162 -0.9525090487 0.2961741172  -2.6312152326 -0.4413087816 0.2961741172  0.8470699213  2.5844121337 
# 
_pdbx_struct_special_symmetry.id              1 
_pdbx_struct_special_symmetry.PDB_model_num   1 
_pdbx_struct_special_symmetry.auth_asym_id    A 
_pdbx_struct_special_symmetry.auth_comp_id    ACE 
_pdbx_struct_special_symmetry.auth_seq_id     302 
_pdbx_struct_special_symmetry.PDB_ins_code    ? 
_pdbx_struct_special_symmetry.label_asym_id   C 
_pdbx_struct_special_symmetry.label_comp_id   ACE 
_pdbx_struct_special_symmetry.label_seq_id    . 
# 
loop_
_pdbx_audit_revision_history.ordinal 
_pdbx_audit_revision_history.data_content_type 
_pdbx_audit_revision_history.major_revision 
_pdbx_audit_revision_history.minor_revision 
_pdbx_audit_revision_history.revision_date 
1 'Structure model' 1 0 2023-02-15 
2 'Structure model' 1 1 2023-10-25 
# 
_pdbx_audit_revision_details.ordinal             1 
_pdbx_audit_revision_details.revision_ordinal    1 
_pdbx_audit_revision_details.data_content_type   'Structure model' 
_pdbx_audit_revision_details.provider            repository 
_pdbx_audit_revision_details.type                'Initial release' 
_pdbx_audit_revision_details.description         ? 
_pdbx_audit_revision_details.details             ? 
# 
loop_
_pdbx_audit_revision_group.ordinal 
_pdbx_audit_revision_group.revision_ordinal 
_pdbx_audit_revision_group.data_content_type 
_pdbx_audit_revision_group.group 
1 2 'Structure model' 'Data collection'        
2 2 'Structure model' 'Refinement description' 
# 
loop_
_pdbx_audit_revision_category.ordinal 
_pdbx_audit_revision_category.revision_ordinal 
_pdbx_audit_revision_category.data_content_type 
_pdbx_audit_revision_category.category 
1 2 'Structure model' chem_comp_atom                
2 2 'Structure model' chem_comp_bond                
3 2 'Structure model' pdbx_initial_refinement_model 
# 
loop_
_software.citation_id 
_software.classification 
_software.compiler_name 
_software.compiler_version 
_software.contact_author 
_software.contact_author_email 
_software.date 
_software.description 
_software.dependencies 
_software.hardware 
_software.language 
_software.location 
_software.mods 
_software.name 
_software.os 
_software.os_version 
_software.type 
_software.version 
_software.pdbx_ordinal 
? refinement       ? ? ? ? ? ? ? ? ? ? ? REFMAC ? ? ? 5.8.0258 1 
? 'data reduction' ? ? ? ? ? ? ? ? ? ? ? MOSFLM ? ? ? .        2 
? 'data scaling'   ? ? ? ? ? ? ? ? ? ? ? SCALA  ? ? ? .        3 
? phasing          ? ? ? ? ? ? ? ? ? ? ? PHASER ? ? ? .        4 
# 
_pdbx_entry_details.entry_id                 7UG2 
_pdbx_entry_details.has_ligand_of_interest   N 
_pdbx_entry_details.compound_details         ? 
_pdbx_entry_details.source_details           ? 
_pdbx_entry_details.nonpolymer_details       ? 
_pdbx_entry_details.sequence_details         ? 
# 
loop_
_pdbx_unobs_or_zero_occ_atoms.id 
_pdbx_unobs_or_zero_occ_atoms.PDB_model_num 
_pdbx_unobs_or_zero_occ_atoms.polymer_flag 
_pdbx_unobs_or_zero_occ_atoms.occupancy_flag 
_pdbx_unobs_or_zero_occ_atoms.auth_asym_id 
_pdbx_unobs_or_zero_occ_atoms.auth_comp_id 
_pdbx_unobs_or_zero_occ_atoms.auth_seq_id 
_pdbx_unobs_or_zero_occ_atoms.PDB_ins_code 
_pdbx_unobs_or_zero_occ_atoms.auth_atom_id 
_pdbx_unobs_or_zero_occ_atoms.label_alt_id 
_pdbx_unobs_or_zero_occ_atoms.label_asym_id 
_pdbx_unobs_or_zero_occ_atoms.label_comp_id 
_pdbx_unobs_or_zero_occ_atoms.label_seq_id 
_pdbx_unobs_or_zero_occ_atoms.label_atom_id 
1 1 Y 1 A GLU 175 ? CG  ? A GLU 12 CG  
2 1 Y 1 A GLU 175 ? CD  ? A GLU 12 CD  
3 1 Y 1 A GLU 175 ? OE1 ? A GLU 12 OE1 
4 1 Y 1 A GLU 175 ? OE2 ? A GLU 12 OE2 
# 
loop_
_pdbx_unobs_or_zero_occ_residues.id 
_pdbx_unobs_or_zero_occ_residues.PDB_model_num 
_pdbx_unobs_or_zero_occ_residues.polymer_flag 
_pdbx_unobs_or_zero_occ_residues.occupancy_flag 
_pdbx_unobs_or_zero_occ_residues.auth_asym_id 
_pdbx_unobs_or_zero_occ_residues.auth_comp_id 
_pdbx_unobs_or_zero_occ_residues.auth_seq_id 
_pdbx_unobs_or_zero_occ_residues.PDB_ins_code 
_pdbx_unobs_or_zero_occ_residues.label_asym_id 
_pdbx_unobs_or_zero_occ_residues.label_comp_id 
_pdbx_unobs_or_zero_occ_residues.label_seq_id 
1  1 Y 1 A GLY 164 ? A GLY 1  
2  1 Y 1 A PRO 165 ? A PRO 2  
3  1 Y 1 A GLY 166 ? A GLY 3  
4  1 Y 1 A GLY 167 ? A GLY 4  
5  1 Y 1 A VAL 168 ? A VAL 5  
6  1 Y 1 A THR 169 ? A THR 6  
7  1 Y 1 A LEU 170 ? A LEU 7  
8  1 Y 1 A ARG 171 ? A ARG 8  
9  1 Y 1 A GLU 172 ? A GLU 9  
10 1 Y 1 A GLN 173 ? A GLN 10 
# 
loop_
_chem_comp_atom.comp_id 
_chem_comp_atom.atom_id 
_chem_comp_atom.type_symbol 
_chem_comp_atom.pdbx_aromatic_flag 
_chem_comp_atom.pdbx_stereo_config 
_chem_comp_atom.pdbx_ordinal 
ACE C    C N N 1   
ACE O    O N N 2   
ACE CH3  C N N 3   
ACE H    H N N 4   
ACE H1   H N N 5   
ACE H2   H N N 6   
ACE H3   H N N 7   
ALA N    N N N 8   
ALA CA   C N S 9   
ALA C    C N N 10  
ALA O    O N N 11  
ALA CB   C N N 12  
ALA OXT  O N N 13  
ALA H    H N N 14  
ALA H2   H N N 15  
ALA HA   H N N 16  
ALA HB1  H N N 17  
ALA HB2  H N N 18  
ALA HB3  H N N 19  
ALA HXT  H N N 20  
ARG N    N N N 21  
ARG CA   C N S 22  
ARG C    C N N 23  
ARG O    O N N 24  
ARG CB   C N N 25  
ARG CG   C N N 26  
ARG CD   C N N 27  
ARG NE   N N N 28  
ARG CZ   C N N 29  
ARG NH1  N N N 30  
ARG NH2  N N N 31  
ARG OXT  O N N 32  
ARG H    H N N 33  
ARG H2   H N N 34  
ARG HA   H N N 35  
ARG HB2  H N N 36  
ARG HB3  H N N 37  
ARG HG2  H N N 38  
ARG HG3  H N N 39  
ARG HD2  H N N 40  
ARG HD3  H N N 41  
ARG HE   H N N 42  
ARG HH11 H N N 43  
ARG HH12 H N N 44  
ARG HH21 H N N 45  
ARG HH22 H N N 46  
ARG HXT  H N N 47  
ASN N    N N N 48  
ASN CA   C N S 49  
ASN C    C N N 50  
ASN O    O N N 51  
ASN CB   C N N 52  
ASN CG   C N N 53  
ASN OD1  O N N 54  
ASN ND2  N N N 55  
ASN OXT  O N N 56  
ASN H    H N N 57  
ASN H2   H N N 58  
ASN HA   H N N 59  
ASN HB2  H N N 60  
ASN HB3  H N N 61  
ASN HD21 H N N 62  
ASN HD22 H N N 63  
ASN HXT  H N N 64  
ASP N    N N N 65  
ASP CA   C N S 66  
ASP C    C N N 67  
ASP O    O N N 68  
ASP CB   C N N 69  
ASP CG   C N N 70  
ASP OD1  O N N 71  
ASP OD2  O N N 72  
ASP OXT  O N N 73  
ASP H    H N N 74  
ASP H2   H N N 75  
ASP HA   H N N 76  
ASP HB2  H N N 77  
ASP HB3  H N N 78  
ASP HD2  H N N 79  
ASP HXT  H N N 80  
CYS N    N N N 81  
CYS CA   C N R 82  
CYS C    C N N 83  
CYS O    O N N 84  
CYS CB   C N N 85  
CYS SG   S N N 86  
CYS OXT  O N N 87  
CYS H    H N N 88  
CYS H2   H N N 89  
CYS HA   H N N 90  
CYS HB2  H N N 91  
CYS HB3  H N N 92  
CYS HG   H N N 93  
CYS HXT  H N N 94  
GLN N    N N N 95  
GLN CA   C N S 96  
GLN C    C N N 97  
GLN O    O N N 98  
GLN CB   C N N 99  
GLN CG   C N N 100 
GLN CD   C N N 101 
GLN OE1  O N N 102 
GLN NE2  N N N 103 
GLN OXT  O N N 104 
GLN H    H N N 105 
GLN H2   H N N 106 
GLN HA   H N N 107 
GLN HB2  H N N 108 
GLN HB3  H N N 109 
GLN HG2  H N N 110 
GLN HG3  H N N 111 
GLN HE21 H N N 112 
GLN HE22 H N N 113 
GLN HXT  H N N 114 
GLU N    N N N 115 
GLU CA   C N S 116 
GLU C    C N N 117 
GLU O    O N N 118 
GLU CB   C N N 119 
GLU CG   C N N 120 
GLU CD   C N N 121 
GLU OE1  O N N 122 
GLU OE2  O N N 123 
GLU OXT  O N N 124 
GLU H    H N N 125 
GLU H2   H N N 126 
GLU HA   H N N 127 
GLU HB2  H N N 128 
GLU HB3  H N N 129 
GLU HG2  H N N 130 
GLU HG3  H N N 131 
GLU HE2  H N N 132 
GLU HXT  H N N 133 
GLY N    N N N 134 
GLY CA   C N N 135 
GLY C    C N N 136 
GLY O    O N N 137 
GLY OXT  O N N 138 
GLY H    H N N 139 
GLY H2   H N N 140 
GLY HA2  H N N 141 
GLY HA3  H N N 142 
GLY HXT  H N N 143 
HOH O    O N N 144 
HOH H1   H N N 145 
HOH H2   H N N 146 
ILE N    N N N 147 
ILE CA   C N S 148 
ILE C    C N N 149 
ILE O    O N N 150 
ILE CB   C N S 151 
ILE CG1  C N N 152 
ILE CG2  C N N 153 
ILE CD1  C N N 154 
ILE OXT  O N N 155 
ILE H    H N N 156 
ILE H2   H N N 157 
ILE HA   H N N 158 
ILE HB   H N N 159 
ILE HG12 H N N 160 
ILE HG13 H N N 161 
ILE HG21 H N N 162 
ILE HG22 H N N 163 
ILE HG23 H N N 164 
ILE HD11 H N N 165 
ILE HD12 H N N 166 
ILE HD13 H N N 167 
ILE HXT  H N N 168 
IPA C1   C N N 169 
IPA C2   C N N 170 
IPA C3   C N N 171 
IPA O2   O N N 172 
IPA H11  H N N 173 
IPA H12  H N N 174 
IPA H13  H N N 175 
IPA H2   H N N 176 
IPA H31  H N N 177 
IPA H32  H N N 178 
IPA H33  H N N 179 
IPA HO2  H N N 180 
LEU N    N N N 181 
LEU CA   C N S 182 
LEU C    C N N 183 
LEU O    O N N 184 
LEU CB   C N N 185 
LEU CG   C N N 186 
LEU CD1  C N N 187 
LEU CD2  C N N 188 
LEU OXT  O N N 189 
LEU H    H N N 190 
LEU H2   H N N 191 
LEU HA   H N N 192 
LEU HB2  H N N 193 
LEU HB3  H N N 194 
LEU HG   H N N 195 
LEU HD11 H N N 196 
LEU HD12 H N N 197 
LEU HD13 H N N 198 
LEU HD21 H N N 199 
LEU HD22 H N N 200 
LEU HD23 H N N 201 
LEU HXT  H N N 202 
LYS N    N N N 203 
LYS CA   C N S 204 
LYS C    C N N 205 
LYS O    O N N 206 
LYS CB   C N N 207 
LYS CG   C N N 208 
LYS CD   C N N 209 
LYS CE   C N N 210 
LYS NZ   N N N 211 
LYS OXT  O N N 212 
LYS H    H N N 213 
LYS H2   H N N 214 
LYS HA   H N N 215 
LYS HB2  H N N 216 
LYS HB3  H N N 217 
LYS HG2  H N N 218 
LYS HG3  H N N 219 
LYS HD2  H N N 220 
LYS HD3  H N N 221 
LYS HE2  H N N 222 
LYS HE3  H N N 223 
LYS HZ1  H N N 224 
LYS HZ2  H N N 225 
LYS HZ3  H N N 226 
LYS HXT  H N N 227 
MET N    N N N 228 
MET CA   C N S 229 
MET C    C N N 230 
MET O    O N N 231 
MET CB   C N N 232 
MET CG   C N N 233 
MET SD   S N N 234 
MET CE   C N N 235 
MET OXT  O N N 236 
MET H    H N N 237 
MET H2   H N N 238 
MET HA   H N N 239 
MET HB2  H N N 240 
MET HB3  H N N 241 
MET HG2  H N N 242 
MET HG3  H N N 243 
MET HE1  H N N 244 
MET HE2  H N N 245 
MET HE3  H N N 246 
MET HXT  H N N 247 
PHE N    N N N 248 
PHE CA   C N S 249 
PHE C    C N N 250 
PHE O    O N N 251 
PHE CB   C N N 252 
PHE CG   C Y N 253 
PHE CD1  C Y N 254 
PHE CD2  C Y N 255 
PHE CE1  C Y N 256 
PHE CE2  C Y N 257 
PHE CZ   C Y N 258 
PHE OXT  O N N 259 
PHE H    H N N 260 
PHE H2   H N N 261 
PHE HA   H N N 262 
PHE HB2  H N N 263 
PHE HB3  H N N 264 
PHE HD1  H N N 265 
PHE HD2  H N N 266 
PHE HE1  H N N 267 
PHE HE2  H N N 268 
PHE HZ   H N N 269 
PHE HXT  H N N 270 
PRO N    N N N 271 
PRO CA   C N S 272 
PRO C    C N N 273 
PRO O    O N N 274 
PRO CB   C N N 275 
PRO CG   C N N 276 
PRO CD   C N N 277 
PRO OXT  O N N 278 
PRO H    H N N 279 
PRO HA   H N N 280 
PRO HB2  H N N 281 
PRO HB3  H N N 282 
PRO HG2  H N N 283 
PRO HG3  H N N 284 
PRO HD2  H N N 285 
PRO HD3  H N N 286 
PRO HXT  H N N 287 
SER N    N N N 288 
SER CA   C N S 289 
SER C    C N N 290 
SER O    O N N 291 
SER CB   C N N 292 
SER OG   O N N 293 
SER OXT  O N N 294 
SER H    H N N 295 
SER H2   H N N 296 
SER HA   H N N 297 
SER HB2  H N N 298 
SER HB3  H N N 299 
SER HG   H N N 300 
SER HXT  H N N 301 
THR N    N N N 302 
THR CA   C N S 303 
THR C    C N N 304 
THR O    O N N 305 
THR CB   C N R 306 
THR OG1  O N N 307 
THR CG2  C N N 308 
THR OXT  O N N 309 
THR H    H N N 310 
THR H2   H N N 311 
THR HA   H N N 312 
THR HB   H N N 313 
THR HG1  H N N 314 
THR HG21 H N N 315 
THR HG22 H N N 316 
THR HG23 H N N 317 
THR HXT  H N N 318 
VAL N    N N N 319 
VAL CA   C N S 320 
VAL C    C N N 321 
VAL O    O N N 322 
VAL CB   C N N 323 
VAL CG1  C N N 324 
VAL CG2  C N N 325 
VAL OXT  O N N 326 
VAL H    H N N 327 
VAL H2   H N N 328 
VAL HA   H N N 329 
VAL HB   H N N 330 
VAL HG11 H N N 331 
VAL HG12 H N N 332 
VAL HG13 H N N 333 
VAL HG21 H N N 334 
VAL HG22 H N N 335 
VAL HG23 H N N 336 
VAL HXT  H N N 337 
# 
loop_
_chem_comp_bond.comp_id 
_chem_comp_bond.atom_id_1 
_chem_comp_bond.atom_id_2 
_chem_comp_bond.value_order 
_chem_comp_bond.pdbx_aromatic_flag 
_chem_comp_bond.pdbx_stereo_config 
_chem_comp_bond.pdbx_ordinal 
ACE C   O    doub N N 1   
ACE C   CH3  sing N N 2   
ACE C   H    sing N N 3   
ACE CH3 H1   sing N N 4   
ACE CH3 H2   sing N N 5   
ACE CH3 H3   sing N N 6   
ALA N   CA   sing N N 7   
ALA N   H    sing N N 8   
ALA N   H2   sing N N 9   
ALA CA  C    sing N N 10  
ALA CA  CB   sing N N 11  
ALA CA  HA   sing N N 12  
ALA C   O    doub N N 13  
ALA C   OXT  sing N N 14  
ALA CB  HB1  sing N N 15  
ALA CB  HB2  sing N N 16  
ALA CB  HB3  sing N N 17  
ALA OXT HXT  sing N N 18  
ARG N   CA   sing N N 19  
ARG N   H    sing N N 20  
ARG N   H2   sing N N 21  
ARG CA  C    sing N N 22  
ARG CA  CB   sing N N 23  
ARG CA  HA   sing N N 24  
ARG C   O    doub N N 25  
ARG C   OXT  sing N N 26  
ARG CB  CG   sing N N 27  
ARG CB  HB2  sing N N 28  
ARG CB  HB3  sing N N 29  
ARG CG  CD   sing N N 30  
ARG CG  HG2  sing N N 31  
ARG CG  HG3  sing N N 32  
ARG CD  NE   sing N N 33  
ARG CD  HD2  sing N N 34  
ARG CD  HD3  sing N N 35  
ARG NE  CZ   sing N N 36  
ARG NE  HE   sing N N 37  
ARG CZ  NH1  sing N N 38  
ARG CZ  NH2  doub N N 39  
ARG NH1 HH11 sing N N 40  
ARG NH1 HH12 sing N N 41  
ARG NH2 HH21 sing N N 42  
ARG NH2 HH22 sing N N 43  
ARG OXT HXT  sing N N 44  
ASN N   CA   sing N N 45  
ASN N   H    sing N N 46  
ASN N   H2   sing N N 47  
ASN CA  C    sing N N 48  
ASN CA  CB   sing N N 49  
ASN CA  HA   sing N N 50  
ASN C   O    doub N N 51  
ASN C   OXT  sing N N 52  
ASN CB  CG   sing N N 53  
ASN CB  HB2  sing N N 54  
ASN CB  HB3  sing N N 55  
ASN CG  OD1  doub N N 56  
ASN CG  ND2  sing N N 57  
ASN ND2 HD21 sing N N 58  
ASN ND2 HD22 sing N N 59  
ASN OXT HXT  sing N N 60  
ASP N   CA   sing N N 61  
ASP N   H    sing N N 62  
ASP N   H2   sing N N 63  
ASP CA  C    sing N N 64  
ASP CA  CB   sing N N 65  
ASP CA  HA   sing N N 66  
ASP C   O    doub N N 67  
ASP C   OXT  sing N N 68  
ASP CB  CG   sing N N 69  
ASP CB  HB2  sing N N 70  
ASP CB  HB3  sing N N 71  
ASP CG  OD1  doub N N 72  
ASP CG  OD2  sing N N 73  
ASP OD2 HD2  sing N N 74  
ASP OXT HXT  sing N N 75  
CYS N   CA   sing N N 76  
CYS N   H    sing N N 77  
CYS N   H2   sing N N 78  
CYS CA  C    sing N N 79  
CYS CA  CB   sing N N 80  
CYS CA  HA   sing N N 81  
CYS C   O    doub N N 82  
CYS C   OXT  sing N N 83  
CYS CB  SG   sing N N 84  
CYS CB  HB2  sing N N 85  
CYS CB  HB3  sing N N 86  
CYS SG  HG   sing N N 87  
CYS OXT HXT  sing N N 88  
GLN N   CA   sing N N 89  
GLN N   H    sing N N 90  
GLN N   H2   sing N N 91  
GLN CA  C    sing N N 92  
GLN CA  CB   sing N N 93  
GLN CA  HA   sing N N 94  
GLN C   O    doub N N 95  
GLN C   OXT  sing N N 96  
GLN CB  CG   sing N N 97  
GLN CB  HB2  sing N N 98  
GLN CB  HB3  sing N N 99  
GLN CG  CD   sing N N 100 
GLN CG  HG2  sing N N 101 
GLN CG  HG3  sing N N 102 
GLN CD  OE1  doub N N 103 
GLN CD  NE2  sing N N 104 
GLN NE2 HE21 sing N N 105 
GLN NE2 HE22 sing N N 106 
GLN OXT HXT  sing N N 107 
GLU N   CA   sing N N 108 
GLU N   H    sing N N 109 
GLU N   H2   sing N N 110 
GLU CA  C    sing N N 111 
GLU CA  CB   sing N N 112 
GLU CA  HA   sing N N 113 
GLU C   O    doub N N 114 
GLU C   OXT  sing N N 115 
GLU CB  CG   sing N N 116 
GLU CB  HB2  sing N N 117 
GLU CB  HB3  sing N N 118 
GLU CG  CD   sing N N 119 
GLU CG  HG2  sing N N 120 
GLU CG  HG3  sing N N 121 
GLU CD  OE1  doub N N 122 
GLU CD  OE2  sing N N 123 
GLU OE2 HE2  sing N N 124 
GLU OXT HXT  sing N N 125 
GLY N   CA   sing N N 126 
GLY N   H    sing N N 127 
GLY N   H2   sing N N 128 
GLY CA  C    sing N N 129 
GLY CA  HA2  sing N N 130 
GLY CA  HA3  sing N N 131 
GLY C   O    doub N N 132 
GLY C   OXT  sing N N 133 
GLY OXT HXT  sing N N 134 
HOH O   H1   sing N N 135 
HOH O   H2   sing N N 136 
ILE N   CA   sing N N 137 
ILE N   H    sing N N 138 
ILE N   H2   sing N N 139 
ILE CA  C    sing N N 140 
ILE CA  CB   sing N N 141 
ILE CA  HA   sing N N 142 
ILE C   O    doub N N 143 
ILE C   OXT  sing N N 144 
ILE CB  CG1  sing N N 145 
ILE CB  CG2  sing N N 146 
ILE CB  HB   sing N N 147 
ILE CG1 CD1  sing N N 148 
ILE CG1 HG12 sing N N 149 
ILE CG1 HG13 sing N N 150 
ILE CG2 HG21 sing N N 151 
ILE CG2 HG22 sing N N 152 
ILE CG2 HG23 sing N N 153 
ILE CD1 HD11 sing N N 154 
ILE CD1 HD12 sing N N 155 
ILE CD1 HD13 sing N N 156 
ILE OXT HXT  sing N N 157 
IPA C1  C2   sing N N 158 
IPA C1  H11  sing N N 159 
IPA C1  H12  sing N N 160 
IPA C1  H13  sing N N 161 
IPA C2  C3   sing N N 162 
IPA C2  O2   sing N N 163 
IPA C2  H2   sing N N 164 
IPA C3  H31  sing N N 165 
IPA C3  H32  sing N N 166 
IPA C3  H33  sing N N 167 
IPA O2  HO2  sing N N 168 
LEU N   CA   sing N N 169 
LEU N   H    sing N N 170 
LEU N   H2   sing N N 171 
LEU CA  C    sing N N 172 
LEU CA  CB   sing N N 173 
LEU CA  HA   sing N N 174 
LEU C   O    doub N N 175 
LEU C   OXT  sing N N 176 
LEU CB  CG   sing N N 177 
LEU CB  HB2  sing N N 178 
LEU CB  HB3  sing N N 179 
LEU CG  CD1  sing N N 180 
LEU CG  CD2  sing N N 181 
LEU CG  HG   sing N N 182 
LEU CD1 HD11 sing N N 183 
LEU CD1 HD12 sing N N 184 
LEU CD1 HD13 sing N N 185 
LEU CD2 HD21 sing N N 186 
LEU CD2 HD22 sing N N 187 
LEU CD2 HD23 sing N N 188 
LEU OXT HXT  sing N N 189 
LYS N   CA   sing N N 190 
LYS N   H    sing N N 191 
LYS N   H2   sing N N 192 
LYS CA  C    sing N N 193 
LYS CA  CB   sing N N 194 
LYS CA  HA   sing N N 195 
LYS C   O    doub N N 196 
LYS C   OXT  sing N N 197 
LYS CB  CG   sing N N 198 
LYS CB  HB2  sing N N 199 
LYS CB  HB3  sing N N 200 
LYS CG  CD   sing N N 201 
LYS CG  HG2  sing N N 202 
LYS CG  HG3  sing N N 203 
LYS CD  CE   sing N N 204 
LYS CD  HD2  sing N N 205 
LYS CD  HD3  sing N N 206 
LYS CE  NZ   sing N N 207 
LYS CE  HE2  sing N N 208 
LYS CE  HE3  sing N N 209 
LYS NZ  HZ1  sing N N 210 
LYS NZ  HZ2  sing N N 211 
LYS NZ  HZ3  sing N N 212 
LYS OXT HXT  sing N N 213 
MET N   CA   sing N N 214 
MET N   H    sing N N 215 
MET N   H2   sing N N 216 
MET CA  C    sing N N 217 
MET CA  CB   sing N N 218 
MET CA  HA   sing N N 219 
MET C   O    doub N N 220 
MET C   OXT  sing N N 221 
MET CB  CG   sing N N 222 
MET CB  HB2  sing N N 223 
MET CB  HB3  sing N N 224 
MET CG  SD   sing N N 225 
MET CG  HG2  sing N N 226 
MET CG  HG3  sing N N 227 
MET SD  CE   sing N N 228 
MET CE  HE1  sing N N 229 
MET CE  HE2  sing N N 230 
MET CE  HE3  sing N N 231 
MET OXT HXT  sing N N 232 
PHE N   CA   sing N N 233 
PHE N   H    sing N N 234 
PHE N   H2   sing N N 235 
PHE CA  C    sing N N 236 
PHE CA  CB   sing N N 237 
PHE CA  HA   sing N N 238 
PHE C   O    doub N N 239 
PHE C   OXT  sing N N 240 
PHE CB  CG   sing N N 241 
PHE CB  HB2  sing N N 242 
PHE CB  HB3  sing N N 243 
PHE CG  CD1  doub Y N 244 
PHE CG  CD2  sing Y N 245 
PHE CD1 CE1  sing Y N 246 
PHE CD1 HD1  sing N N 247 
PHE CD2 CE2  doub Y N 248 
PHE CD2 HD2  sing N N 249 
PHE CE1 CZ   doub Y N 250 
PHE CE1 HE1  sing N N 251 
PHE CE2 CZ   sing Y N 252 
PHE CE2 HE2  sing N N 253 
PHE CZ  HZ   sing N N 254 
PHE OXT HXT  sing N N 255 
PRO N   CA   sing N N 256 
PRO N   CD   sing N N 257 
PRO N   H    sing N N 258 
PRO CA  C    sing N N 259 
PRO CA  CB   sing N N 260 
PRO CA  HA   sing N N 261 
PRO C   O    doub N N 262 
PRO C   OXT  sing N N 263 
PRO CB  CG   sing N N 264 
PRO CB  HB2  sing N N 265 
PRO CB  HB3  sing N N 266 
PRO CG  CD   sing N N 267 
PRO CG  HG2  sing N N 268 
PRO CG  HG3  sing N N 269 
PRO CD  HD2  sing N N 270 
PRO CD  HD3  sing N N 271 
PRO OXT HXT  sing N N 272 
SER N   CA   sing N N 273 
SER N   H    sing N N 274 
SER N   H2   sing N N 275 
SER CA  C    sing N N 276 
SER CA  CB   sing N N 277 
SER CA  HA   sing N N 278 
SER C   O    doub N N 279 
SER C   OXT  sing N N 280 
SER CB  OG   sing N N 281 
SER CB  HB2  sing N N 282 
SER CB  HB3  sing N N 283 
SER OG  HG   sing N N 284 
SER OXT HXT  sing N N 285 
THR N   CA   sing N N 286 
THR N   H    sing N N 287 
THR N   H2   sing N N 288 
THR CA  C    sing N N 289 
THR CA  CB   sing N N 290 
THR CA  HA   sing N N 291 
THR C   O    doub N N 292 
THR C   OXT  sing N N 293 
THR CB  OG1  sing N N 294 
THR CB  CG2  sing N N 295 
THR CB  HB   sing N N 296 
THR OG1 HG1  sing N N 297 
THR CG2 HG21 sing N N 298 
THR CG2 HG22 sing N N 299 
THR CG2 HG23 sing N N 300 
THR OXT HXT  sing N N 301 
VAL N   CA   sing N N 302 
VAL N   H    sing N N 303 
VAL N   H2   sing N N 304 
VAL CA  C    sing N N 305 
VAL CA  CB   sing N N 306 
VAL CA  HA   sing N N 307 
VAL C   O    doub N N 308 
VAL C   OXT  sing N N 309 
VAL CB  CG1  sing N N 310 
VAL CB  CG2  sing N N 311 
VAL CB  HB   sing N N 312 
VAL CG1 HG11 sing N N 313 
VAL CG1 HG12 sing N N 314 
VAL CG1 HG13 sing N N 315 
VAL CG2 HG21 sing N N 316 
VAL CG2 HG22 sing N N 317 
VAL CG2 HG23 sing N N 318 
VAL OXT HXT  sing N N 319 
# 
loop_
_pdbx_audit_support.funding_organization 
_pdbx_audit_support.country 
_pdbx_audit_support.grant_number 
_pdbx_audit_support.ordinal 
'National Institutes of Health/National Institute Of Allergy and Infectious Diseases (NIH/NIAID)' 'United States' 'R01 AI080779' 1 
'National Institutes of Health/National Institute Of Allergy and Infectious Diseases (NIH/NIAID)' 'United States' 'R56 AI148215' 2 
# 
loop_
_pdbx_entity_nonpoly.entity_id 
_pdbx_entity_nonpoly.name 
_pdbx_entity_nonpoly.comp_id 
2 'ACETYL GROUP'      ACE 
3 'ISOPROPYL ALCOHOL' IPA 
4 water               HOH 
# 
_pdbx_initial_refinement_model.id               1 
_pdbx_initial_refinement_model.entity_id_list   ? 
_pdbx_initial_refinement_model.type             'experimental model' 
_pdbx_initial_refinement_model.source_name      PDB 
_pdbx_initial_refinement_model.accession_code   7SI8 
_pdbx_initial_refinement_model.details          ? 
# 
_pdbx_struct_assembly_auth_evidence.id                     1 
_pdbx_struct_assembly_auth_evidence.assembly_id            1 
_pdbx_struct_assembly_auth_evidence.experimental_support   'light scattering' 
_pdbx_struct_assembly_auth_evidence.details                
'SEC-MALS confirmed the tetrameric state of the coiled-coil domain in solution.' 
# 
